data_3EG5
#
_entry.id   3EG5
#
_cell.length_a   71.269
_cell.length_b   71.269
_cell.length_c   244.964
_cell.angle_alpha   90.00
_cell.angle_beta   90.00
_cell.angle_gamma   120.00
#
_symmetry.space_group_name_H-M   'P 32'
#
loop_
_entity.id
_entity.type
_entity.pdbx_description
1 polymer 'Cell division control protein 42 homolog'
2 polymer 'Protein diaphanous homolog 1'
3 non-polymer 'PHOSPHOAMINOPHOSPHONIC ACID-GUANYLATE ESTER'
4 non-polymer 'MAGNESIUM ION'
5 water water
#
loop_
_entity_poly.entity_id
_entity_poly.type
_entity_poly.pdbx_seq_one_letter_code
_entity_poly.pdbx_strand_id
1 'polypeptide(L)'
;MQTIKCVVVGDGAVGKTCLLISYTTNKFPSEYVPTVFDNYAVTVMIGGEPYTLGLFDTAGQEDYDRLRPLSYPQTDVFLV
CFSVVSPSSFENVKEKWVPEITHHCPKTPFLLVGTQIDLRDDPSTIEKLAKNKQKPITPETAEKLARDLKAVKYVECSAL
TQRGLKNVFDEAILAALE
;
A,C
2 'polypeptide(L)'
;DPTAQSLQDISDEQVLVLFEQMLVDMNLNEEKQQPLREKDIVIKREMVSQYLHTSKAGMNQKESSRSAMMYIQELRSGLR
DMHLLSCLESLRVSLTSHPVSWVQTFGAEGLASLLDILKRLHDEKEETSGNYDSRNQHEIIRCLKAFMNNKFGIKTMLET
EEGILLLVRAMDPAVPNMMIDAAKLLSALCILPQPEDMNERVLEAMTERAEMDEVERFQPLLDGLKSGTSIALKVGCLQL
INALITPAEELDFRVHIRSELMRLGLHQVLQELREIENEDMKVQLCVFDEQGDEDFFDLKGRLDDIRMEMDDFGEVFQII
LNTVKDSKAEPHFLSILQHLLLVRNDYEARPQYYKLIEECVSQIVLHKNGTDPDFKCRHLQID
;
B,D
#
loop_
_chem_comp.id
_chem_comp.type
_chem_comp.name
_chem_comp.formula
GNP non-polymer 'PHOSPHOAMINOPHOSPHONIC ACID-GUANYLATE ESTER' 'C10 H17 N6 O13 P3'
MG non-polymer 'MAGNESIUM ION' 'Mg 2'
#
# COMPACT_ATOMS: atom_id res chain seq x y z
N MET A 1 -51.95 -33.51 -14.35
CA MET A 1 -51.26 -33.83 -15.64
C MET A 1 -49.81 -34.26 -15.46
N GLN A 2 -49.44 -35.37 -16.09
CA GLN A 2 -48.05 -35.81 -16.10
C GLN A 2 -47.26 -35.12 -17.20
N THR A 3 -46.03 -34.75 -16.85
CA THR A 3 -45.14 -34.03 -17.73
C THR A 3 -43.71 -34.38 -17.39
N ILE A 4 -42.76 -33.99 -18.24
CA ILE A 4 -41.38 -34.01 -17.83
C ILE A 4 -41.18 -32.80 -16.88
N LYS A 5 -41.09 -33.09 -15.59
CA LYS A 5 -40.91 -32.04 -14.60
C LYS A 5 -39.47 -31.53 -14.59
N CYS A 6 -39.34 -30.25 -14.87
CA CYS A 6 -38.06 -29.57 -14.95
C CYS A 6 -38.05 -28.38 -13.99
N VAL A 7 -37.16 -28.43 -12.99
CA VAL A 7 -37.05 -27.37 -12.00
C VAL A 7 -35.84 -26.49 -12.28
N VAL A 8 -36.03 -25.18 -12.18
CA VAL A 8 -34.98 -24.20 -12.49
C VAL A 8 -34.52 -23.48 -11.22
N VAL A 9 -33.22 -23.60 -10.90
CA VAL A 9 -32.61 -22.94 -9.74
C VAL A 9 -31.32 -22.17 -10.06
N GLY A 10 -30.94 -21.25 -9.17
CA GLY A 10 -29.77 -20.39 -9.35
C GLY A 10 -29.95 -19.06 -8.63
N ASP A 11 -28.84 -18.34 -8.39
CA ASP A 11 -28.89 -17.03 -7.75
C ASP A 11 -29.97 -16.09 -8.31
N GLY A 12 -30.39 -15.11 -7.51
CA GLY A 12 -31.27 -14.05 -7.98
C GLY A 12 -30.60 -13.23 -9.07
N ALA A 13 -31.41 -12.73 -10.01
CA ALA A 13 -30.92 -11.90 -11.11
C ALA A 13 -29.90 -12.64 -12.01
N VAL A 14 -30.02 -13.95 -12.05
CA VAL A 14 -29.24 -14.78 -12.97
C VAL A 14 -29.95 -14.88 -14.32
N GLY A 15 -31.28 -14.84 -14.29
CA GLY A 15 -32.06 -14.78 -15.51
C GLY A 15 -32.98 -15.96 -15.75
N LYS A 16 -33.35 -16.65 -14.67
CA LYS A 16 -34.19 -17.85 -14.78
C LYS A 16 -35.59 -17.53 -15.32
N THR A 17 -36.24 -16.54 -14.71
CA THR A 17 -37.61 -16.21 -15.12
C THR A 17 -37.62 -15.79 -16.58
N CYS A 18 -36.68 -14.92 -16.95
CA CYS A 18 -36.57 -14.43 -18.33
C CYS A 18 -36.38 -15.56 -19.30
N LEU A 19 -35.50 -16.48 -18.93
CA LEU A 19 -35.22 -17.68 -19.69
C LEU A 19 -36.51 -18.47 -19.93
N LEU A 20 -37.36 -18.56 -18.91
CA LEU A 20 -38.64 -19.26 -18.99
C LEU A 20 -39.69 -18.47 -19.78
N ILE A 21 -39.81 -17.17 -19.50
CA ILE A 21 -40.74 -16.31 -20.23
C ILE A 21 -40.34 -16.29 -21.70
N SER A 22 -39.06 -16.00 -21.95
CA SER A 22 -38.53 -15.88 -23.30
C SER A 22 -38.74 -17.14 -24.12
N TYR A 23 -38.55 -18.30 -23.48
CA TYR A 23 -38.68 -19.57 -24.18
C TYR A 23 -40.14 -19.92 -24.48
N THR A 24 -41.01 -19.69 -23.50
CA THR A 24 -42.38 -20.17 -23.57
C THR A 24 -43.35 -19.15 -24.17
N THR A 25 -42.96 -17.89 -24.21
CA THR A 25 -43.85 -16.84 -24.72
C THR A 25 -43.22 -15.98 -25.83
N ASN A 26 -41.91 -16.15 -26.05
CA ASN A 26 -41.15 -15.38 -27.06
C ASN A 26 -41.06 -13.88 -26.78
N LYS A 27 -41.33 -13.51 -25.54
CA LYS A 27 -41.25 -12.13 -25.09
C LYS A 27 -40.24 -12.03 -23.95
N PHE A 28 -39.64 -10.85 -23.79
CA PHE A 28 -38.66 -10.62 -22.73
C PHE A 28 -39.21 -9.55 -21.78
N PRO A 29 -39.54 -9.93 -20.53
CA PRO A 29 -40.02 -8.92 -19.61
C PRO A 29 -38.88 -7.98 -19.26
N SER A 30 -39.14 -6.69 -19.39
CA SER A 30 -38.13 -5.67 -19.12
C SER A 30 -37.95 -5.48 -17.62
N GLU A 31 -39.08 -5.33 -16.91
CA GLU A 31 -39.10 -5.17 -15.47
C GLU A 31 -38.60 -6.42 -14.75
N TYR A 32 -37.95 -6.22 -13.61
CA TYR A 32 -37.50 -7.33 -12.77
C TYR A 32 -38.41 -7.46 -11.55
N VAL A 33 -38.95 -8.66 -11.37
CA VAL A 33 -39.76 -8.99 -10.20
C VAL A 33 -39.22 -10.30 -9.61
N PRO A 34 -38.70 -10.26 -8.38
CA PRO A 34 -38.13 -11.46 -7.78
C PRO A 34 -39.22 -12.51 -7.64
N THR A 35 -38.95 -13.74 -8.09
CA THR A 35 -39.99 -14.75 -8.11
C THR A 35 -40.06 -15.56 -6.83
N VAL A 36 -41.26 -15.84 -6.34
CA VAL A 36 -41.43 -16.78 -5.24
C VAL A 36 -41.47 -18.20 -5.81
N PHE A 37 -42.50 -18.50 -6.61
CA PHE A 37 -42.54 -19.71 -7.43
C PHE A 37 -43.64 -19.60 -8.50
N ASP A 38 -43.32 -20.05 -9.71
CA ASP A 38 -44.23 -19.98 -10.83
C ASP A 38 -44.12 -21.24 -11.66
N ASN A 39 -45.24 -21.62 -12.28
CA ASN A 39 -45.29 -22.76 -13.17
C ASN A 39 -45.41 -22.30 -14.61
N TYR A 40 -44.70 -23.01 -15.50
CA TYR A 40 -44.81 -22.80 -16.94
C TYR A 40 -44.90 -24.16 -17.64
N ALA A 41 -45.34 -24.15 -18.89
CA ALA A 41 -45.56 -25.37 -19.64
C ALA A 41 -45.36 -25.17 -21.13
N VAL A 42 -44.72 -26.15 -21.77
CA VAL A 42 -44.48 -26.09 -23.20
C VAL A 42 -44.65 -27.48 -23.83
N THR A 43 -44.95 -27.51 -25.13
CA THR A 43 -44.96 -28.75 -25.87
C THR A 43 -43.83 -28.73 -26.90
N VAL A 44 -43.01 -29.79 -26.92
CA VAL A 44 -41.92 -29.91 -27.88
C VAL A 44 -42.08 -31.18 -28.71
N MET A 45 -42.13 -31.01 -30.03
CA MET A 45 -42.19 -32.13 -30.96
C MET A 45 -40.81 -32.74 -31.17
N ILE A 46 -40.68 -34.03 -30.85
CA ILE A 46 -39.47 -34.79 -31.13
C ILE A 46 -39.84 -35.91 -32.10
N GLY A 47 -39.27 -35.85 -33.30
CA GLY A 47 -39.55 -36.82 -34.35
C GLY A 47 -41.04 -37.09 -34.53
N GLY A 48 -41.81 -36.02 -34.68
CA GLY A 48 -43.26 -36.12 -34.90
C GLY A 48 -44.07 -36.62 -33.70
N GLU A 49 -43.47 -36.57 -32.52
CA GLU A 49 -44.13 -36.97 -31.29
C GLU A 49 -44.08 -35.87 -30.24
N PRO A 50 -45.25 -35.55 -29.65
CA PRO A 50 -45.37 -34.52 -28.62
C PRO A 50 -44.73 -34.92 -27.29
N TYR A 51 -43.89 -34.04 -26.76
CA TYR A 51 -43.30 -34.20 -25.44
C TYR A 51 -43.65 -32.99 -24.60
N THR A 52 -44.16 -33.25 -23.40
CA THR A 52 -44.71 -32.18 -22.59
C THR A 52 -43.83 -31.86 -21.39
N LEU A 53 -43.48 -30.59 -21.26
CA LEU A 53 -42.46 -30.14 -20.29
C LEU A 53 -43.04 -29.21 -19.22
N GLY A 54 -42.92 -29.64 -17.97
CA GLY A 54 -43.43 -28.85 -16.84
C GLY A 54 -42.32 -28.07 -16.19
N LEU A 55 -42.42 -26.74 -16.26
CA LEU A 55 -41.32 -25.87 -15.90
C LEU A 55 -41.61 -25.14 -14.59
N PHE A 56 -40.77 -25.40 -13.59
CA PHE A 56 -40.96 -24.85 -12.25
C PHE A 56 -39.92 -23.77 -11.94
N ASP A 57 -40.39 -22.54 -11.80
CA ASP A 57 -39.53 -21.40 -11.53
C ASP A 57 -39.44 -21.20 -10.03
N THR A 58 -38.22 -21.04 -9.52
CA THR A 58 -38.00 -20.94 -8.07
C THR A 58 -37.33 -19.62 -7.70
N ALA A 59 -37.33 -19.31 -6.40
CA ALA A 59 -36.77 -18.07 -5.88
C ALA A 59 -35.25 -18.15 -5.69
N GLY A 60 -34.54 -17.18 -6.25
CA GLY A 60 -33.10 -17.07 -6.08
C GLY A 60 -32.70 -16.51 -4.72
N GLN A 61 -33.60 -15.79 -4.08
CA GLN A 61 -33.33 -15.22 -2.74
C GLN A 61 -33.14 -16.27 -1.68
N GLU A 62 -32.24 -15.96 -0.74
CA GLU A 62 -32.00 -16.75 0.46
C GLU A 62 -33.20 -16.79 1.40
N ASP A 63 -34.08 -15.80 1.29
CA ASP A 63 -35.23 -15.70 2.18
C ASP A 63 -36.24 -16.82 1.98
N TYR A 64 -36.24 -17.40 0.77
CA TYR A 64 -37.16 -18.49 0.47
C TYR A 64 -36.46 -19.83 0.41
N ASP A 65 -35.28 -19.91 1.05
CA ASP A 65 -34.52 -21.14 1.12
C ASP A 65 -35.36 -22.31 1.61
N ARG A 66 -36.24 -22.05 2.57
CA ARG A 66 -37.07 -23.10 3.16
C ARG A 66 -38.33 -23.37 2.36
N LEU A 67 -38.67 -22.47 1.43
CA LEU A 67 -39.83 -22.62 0.55
C LEU A 67 -39.47 -23.42 -0.69
N ARG A 68 -38.27 -23.19 -1.23
CA ARG A 68 -37.87 -23.82 -2.48
C ARG A 68 -38.10 -25.32 -2.54
N PRO A 69 -37.70 -26.08 -1.49
CA PRO A 69 -37.78 -27.54 -1.59
C PRO A 69 -39.18 -28.08 -1.89
N LEU A 70 -40.21 -27.25 -1.76
CA LEU A 70 -41.58 -27.65 -2.14
C LEU A 70 -41.73 -27.87 -3.65
N SER A 71 -40.81 -27.28 -4.44
CA SER A 71 -40.81 -27.46 -5.88
C SER A 71 -40.12 -28.76 -6.31
N TYR A 72 -39.42 -29.40 -5.38
CA TYR A 72 -38.50 -30.49 -5.70
C TYR A 72 -39.09 -31.89 -5.87
N PRO A 73 -40.14 -32.25 -5.09
CA PRO A 73 -40.65 -33.63 -5.18
C PRO A 73 -40.93 -34.13 -6.61
N GLN A 74 -40.46 -35.33 -6.91
CA GLN A 74 -40.64 -36.00 -8.21
C GLN A 74 -40.13 -35.20 -9.42
N THR A 75 -39.00 -34.52 -9.24
CA THR A 75 -38.37 -33.81 -10.33
C THR A 75 -37.69 -34.82 -11.26
N ASP A 76 -37.82 -34.58 -12.57
CA ASP A 76 -37.16 -35.43 -13.57
C ASP A 76 -35.86 -34.82 -14.09
N VAL A 77 -35.77 -33.49 -14.10
CA VAL A 77 -34.54 -32.80 -14.49
C VAL A 77 -34.41 -31.43 -13.83
N PHE A 78 -33.20 -31.05 -13.42
CA PHE A 78 -32.95 -29.71 -12.89
C PHE A 78 -32.15 -28.87 -13.88
N LEU A 79 -32.43 -27.57 -13.94
CA LEU A 79 -31.52 -26.67 -14.61
C LEU A 79 -30.89 -25.77 -13.55
N VAL A 80 -29.58 -25.90 -13.38
CA VAL A 80 -28.83 -25.10 -12.41
C VAL A 80 -28.17 -23.93 -13.13
N CYS A 81 -28.72 -22.74 -12.92
CA CYS A 81 -28.32 -21.57 -13.69
C CYS A 81 -27.31 -20.66 -12.98
N PHE A 82 -26.42 -20.11 -13.78
CA PHE A 82 -25.54 -19.03 -13.36
C PHE A 82 -25.38 -18.08 -14.55
N SER A 83 -25.11 -16.81 -14.26
CA SER A 83 -24.87 -15.86 -15.32
C SER A 83 -23.39 -15.85 -15.64
N VAL A 84 -23.06 -15.98 -16.93
CA VAL A 84 -21.65 -16.00 -17.37
C VAL A 84 -20.91 -14.68 -17.06
N VAL A 85 -21.66 -13.65 -16.69
CA VAL A 85 -21.07 -12.35 -16.33
C VAL A 85 -21.20 -12.08 -14.82
N SER A 86 -21.47 -13.14 -14.06
CA SER A 86 -21.48 -13.09 -12.62
C SER A 86 -20.74 -14.28 -12.04
N PRO A 87 -19.41 -14.15 -11.85
CA PRO A 87 -18.59 -15.19 -11.21
C PRO A 87 -19.14 -15.60 -9.84
N SER A 88 -19.78 -14.65 -9.16
CA SER A 88 -20.47 -14.92 -7.91
C SER A 88 -21.51 -16.06 -8.02
N SER A 89 -22.37 -15.99 -9.04
CA SER A 89 -23.39 -17.01 -9.21
C SER A 89 -22.79 -18.34 -9.63
N PHE A 90 -21.69 -18.28 -10.36
CA PHE A 90 -20.97 -19.47 -10.80
C PHE A 90 -20.43 -20.24 -9.59
N GLU A 91 -19.88 -19.52 -8.62
CA GLU A 91 -19.37 -20.13 -7.41
C GLU A 91 -20.47 -20.78 -6.56
N ASN A 92 -21.65 -20.17 -6.54
CA ASN A 92 -22.77 -20.67 -5.73
C ASN A 92 -23.42 -21.92 -6.33
N VAL A 93 -23.19 -22.17 -7.61
CA VAL A 93 -23.56 -23.44 -8.23
C VAL A 93 -22.91 -24.59 -7.47
N LYS A 94 -21.72 -24.33 -6.92
CA LYS A 94 -20.88 -25.32 -6.29
C LYS A 94 -21.05 -25.34 -4.75
N GLU A 95 -21.15 -24.15 -4.15
CA GLU A 95 -21.26 -24.04 -2.68
C GLU A 95 -22.69 -24.21 -2.20
N LYS A 96 -23.64 -23.81 -3.04
CA LYS A 96 -25.05 -23.86 -2.65
C LYS A 96 -25.92 -24.79 -3.49
N TRP A 97 -26.00 -24.55 -4.80
CA TRP A 97 -27.09 -25.11 -5.61
C TRP A 97 -27.02 -26.61 -5.87
N VAL A 98 -25.87 -27.09 -6.31
CA VAL A 98 -25.72 -28.50 -6.61
C VAL A 98 -25.85 -29.33 -5.32
N PRO A 99 -25.16 -28.93 -4.24
CA PRO A 99 -25.40 -29.66 -3.00
C PRO A 99 -26.85 -29.61 -2.48
N GLU A 100 -27.60 -28.58 -2.85
CA GLU A 100 -29.00 -28.46 -2.42
C GLU A 100 -29.92 -29.41 -3.19
N ILE A 101 -29.81 -29.43 -4.52
CA ILE A 101 -30.63 -30.36 -5.32
C ILE A 101 -30.20 -31.81 -5.11
N THR A 102 -28.90 -32.04 -4.96
CA THR A 102 -28.36 -33.35 -4.64
C THR A 102 -29.01 -33.88 -3.38
N HIS A 103 -29.10 -33.02 -2.37
CA HIS A 103 -29.61 -33.44 -1.07
C HIS A 103 -31.05 -33.90 -1.16
N HIS A 104 -31.90 -33.11 -1.81
CA HIS A 104 -33.33 -33.41 -1.92
C HIS A 104 -33.65 -34.44 -3.01
N CYS A 105 -32.85 -34.46 -4.07
CA CYS A 105 -33.12 -35.32 -5.21
C CYS A 105 -31.83 -36.01 -5.64
N PRO A 106 -31.33 -36.95 -4.83
CA PRO A 106 -30.10 -37.58 -5.28
C PRO A 106 -30.38 -38.45 -6.49
N LYS A 107 -29.40 -38.56 -7.39
CA LYS A 107 -29.54 -39.38 -8.59
C LYS A 107 -30.73 -38.99 -9.50
N THR A 108 -31.11 -37.70 -9.50
CA THR A 108 -31.90 -37.14 -10.61
C THR A 108 -31.03 -36.14 -11.35
N PRO A 109 -30.97 -36.24 -12.69
CA PRO A 109 -29.91 -35.53 -13.41
C PRO A 109 -30.09 -34.03 -13.42
N PHE A 110 -29.04 -33.30 -13.75
CA PHE A 110 -29.15 -31.86 -13.92
C PHE A 110 -28.20 -31.33 -14.99
N LEU A 111 -28.61 -30.21 -15.59
CA LEU A 111 -27.81 -29.49 -16.58
C LEU A 111 -27.21 -28.25 -15.96
N LEU A 112 -25.98 -27.93 -16.32
CA LEU A 112 -25.42 -26.65 -15.94
C LEU A 112 -25.76 -25.66 -17.05
N VAL A 113 -26.49 -24.61 -16.70
CA VAL A 113 -26.96 -23.64 -17.68
C VAL A 113 -26.31 -22.29 -17.46
N GLY A 114 -25.54 -21.84 -18.45
CA GLY A 114 -24.98 -20.50 -18.47
C GLY A 114 -25.94 -19.51 -19.10
N THR A 115 -26.16 -18.39 -18.44
CA THR A 115 -27.16 -17.43 -18.89
C THR A 115 -26.56 -16.07 -19.18
N GLN A 116 -27.38 -15.20 -19.79
CA GLN A 116 -27.02 -13.82 -20.13
C GLN A 116 -25.75 -13.78 -20.99
N ILE A 117 -25.65 -14.76 -21.88
CA ILE A 117 -24.46 -14.97 -22.70
C ILE A 117 -24.16 -13.83 -23.70
N ASP A 118 -25.17 -12.98 -23.96
CA ASP A 118 -25.02 -11.81 -24.83
C ASP A 118 -24.17 -10.71 -24.19
N LEU A 119 -24.08 -10.72 -22.87
CA LEU A 119 -23.29 -9.72 -22.14
C LEU A 119 -21.82 -10.13 -21.94
N ARG A 120 -21.45 -11.29 -22.47
CA ARG A 120 -20.07 -11.78 -22.31
C ARG A 120 -19.06 -10.94 -23.11
N ASP A 121 -19.52 -10.35 -24.20
CA ASP A 121 -18.68 -9.47 -25.03
C ASP A 121 -19.06 -7.99 -24.90
N ASP A 122 -19.90 -7.67 -23.92
CA ASP A 122 -20.25 -6.28 -23.66
C ASP A 122 -19.11 -5.62 -22.89
N PRO A 123 -18.47 -4.59 -23.50
CA PRO A 123 -17.32 -3.90 -22.90
C PRO A 123 -17.65 -3.22 -21.57
N SER A 124 -18.87 -2.69 -21.47
CA SER A 124 -19.35 -2.06 -20.24
C SER A 124 -19.40 -3.07 -19.09
N THR A 125 -19.88 -4.29 -19.39
CA THR A 125 -19.93 -5.38 -18.42
C THR A 125 -18.54 -5.93 -18.08
N ILE A 126 -17.68 -6.02 -19.10
CA ILE A 126 -16.34 -6.57 -18.96
C ILE A 126 -15.48 -5.69 -18.05
N GLU A 127 -15.57 -4.37 -18.25
CA GLU A 127 -14.82 -3.41 -17.44
C GLU A 127 -15.31 -3.35 -16.00
N LYS A 128 -16.63 -3.40 -15.80
CA LYS A 128 -17.21 -3.48 -14.46
C LYS A 128 -16.64 -4.67 -13.70
N LEU A 129 -16.55 -5.82 -14.38
CA LEU A 129 -15.94 -7.00 -13.80
C LEU A 129 -14.44 -6.81 -13.50
N ALA A 130 -13.71 -6.26 -14.47
CA ALA A 130 -12.26 -6.03 -14.37
C ALA A 130 -11.87 -5.13 -13.21
N LYS A 131 -12.69 -4.10 -12.95
CA LYS A 131 -12.50 -3.23 -11.79
C LYS A 131 -12.53 -4.02 -10.48
N ASN A 132 -13.24 -5.15 -10.49
CA ASN A 132 -13.28 -6.05 -9.34
C ASN A 132 -12.31 -7.24 -9.46
N LYS A 133 -11.36 -7.14 -10.38
CA LYS A 133 -10.40 -8.23 -10.67
C LYS A 133 -11.11 -9.52 -11.12
N GLN A 134 -12.24 -9.36 -11.80
CA GLN A 134 -13.05 -10.49 -12.24
C GLN A 134 -13.18 -10.49 -13.76
N LYS A 135 -13.61 -11.62 -14.31
CA LYS A 135 -13.78 -11.78 -15.75
C LYS A 135 -14.97 -12.68 -16.02
N PRO A 136 -15.55 -12.63 -17.24
CA PRO A 136 -16.61 -13.59 -17.57
C PRO A 136 -16.17 -15.05 -17.48
N ILE A 137 -17.13 -15.92 -17.21
CA ILE A 137 -16.91 -17.37 -17.28
C ILE A 137 -16.93 -17.81 -18.74
N THR A 138 -15.83 -18.40 -19.20
CA THR A 138 -15.74 -18.90 -20.56
C THR A 138 -16.46 -20.24 -20.64
N PRO A 139 -16.92 -20.62 -21.84
CA PRO A 139 -17.58 -21.92 -21.96
C PRO A 139 -16.71 -23.05 -21.42
N GLU A 140 -15.39 -22.95 -21.62
CA GLU A 140 -14.48 -24.03 -21.26
C GLU A 140 -14.32 -24.20 -19.74
N THR A 141 -14.36 -23.08 -19.00
CA THR A 141 -14.40 -23.11 -17.54
C THR A 141 -15.68 -23.81 -17.05
N ALA A 142 -16.81 -23.43 -17.64
CA ALA A 142 -18.10 -23.98 -17.26
C ALA A 142 -18.20 -25.49 -17.53
N GLU A 143 -17.67 -25.93 -18.67
CA GLU A 143 -17.62 -27.35 -19.02
C GLU A 143 -16.80 -28.16 -18.02
N LYS A 144 -15.81 -27.51 -17.41
CA LYS A 144 -14.95 -28.15 -16.43
C LYS A 144 -15.70 -28.34 -15.12
N LEU A 145 -16.50 -27.35 -14.76
CA LEU A 145 -17.29 -27.41 -13.54
C LEU A 145 -18.37 -28.46 -13.67
N ALA A 146 -18.94 -28.56 -14.88
CA ALA A 146 -19.98 -29.54 -15.17
C ALA A 146 -19.50 -30.97 -14.96
N ARG A 147 -18.34 -31.30 -15.51
CA ARG A 147 -17.73 -32.63 -15.35
C ARG A 147 -17.37 -32.94 -13.89
N ASP A 148 -16.93 -31.91 -13.16
CA ASP A 148 -16.56 -32.05 -11.75
C ASP A 148 -17.75 -32.31 -10.84
N LEU A 149 -18.87 -31.63 -11.10
CA LEU A 149 -20.07 -31.75 -10.27
C LEU A 149 -21.00 -32.84 -10.79
N LYS A 150 -20.54 -33.58 -11.79
CA LYS A 150 -21.29 -34.67 -12.41
C LYS A 150 -22.63 -34.24 -12.99
N ALA A 151 -22.65 -33.08 -13.64
CA ALA A 151 -23.80 -32.65 -14.43
C ALA A 151 -23.89 -33.46 -15.72
N VAL A 152 -25.09 -33.54 -16.29
CA VAL A 152 -25.25 -34.24 -17.58
C VAL A 152 -24.38 -33.57 -18.63
N LYS A 153 -24.58 -32.26 -18.80
CA LYS A 153 -23.71 -31.45 -19.63
C LYS A 153 -23.88 -29.97 -19.33
N TYR A 154 -23.04 -29.14 -19.97
CA TYR A 154 -23.16 -27.70 -19.87
C TYR A 154 -23.80 -27.14 -21.12
N VAL A 155 -24.87 -26.39 -20.93
CA VAL A 155 -25.49 -25.63 -22.01
C VAL A 155 -25.49 -24.14 -21.64
N GLU A 156 -25.55 -23.26 -22.63
CA GLU A 156 -25.61 -21.82 -22.35
C GLU A 156 -26.52 -21.08 -23.31
N CYS A 157 -27.05 -19.95 -22.88
CA CYS A 157 -28.03 -19.22 -23.67
C CYS A 157 -28.05 -17.73 -23.32
N SER A 158 -28.58 -16.93 -24.24
CA SER A 158 -29.08 -15.60 -23.92
C SER A 158 -30.59 -15.64 -24.07
N ALA A 159 -31.29 -15.15 -23.05
CA ALA A 159 -32.74 -15.06 -23.12
C ALA A 159 -33.16 -13.85 -23.94
N LEU A 160 -32.29 -12.84 -23.99
CA LEU A 160 -32.56 -11.61 -24.73
C LEU A 160 -32.56 -11.84 -26.24
N THR A 161 -31.57 -12.58 -26.74
CA THR A 161 -31.44 -12.83 -28.17
C THR A 161 -32.03 -14.19 -28.54
N GLN A 162 -32.19 -15.04 -27.53
CA GLN A 162 -32.71 -16.41 -27.68
C GLN A 162 -31.67 -17.39 -28.24
N ARG A 163 -30.44 -16.91 -28.38
CA ARG A 163 -29.35 -17.72 -28.87
C ARG A 163 -29.09 -18.86 -27.91
N GLY A 164 -29.22 -20.08 -28.41
CA GLY A 164 -28.93 -21.27 -27.63
C GLY A 164 -30.03 -21.66 -26.68
N LEU A 165 -31.16 -20.94 -26.74
CA LEU A 165 -32.26 -21.12 -25.79
C LEU A 165 -33.09 -22.39 -26.03
N LYS A 166 -33.49 -22.62 -27.27
CA LYS A 166 -34.20 -23.86 -27.60
C LYS A 166 -33.39 -25.09 -27.19
N ASN A 167 -32.09 -25.04 -27.43
CA ASN A 167 -31.20 -26.17 -27.16
C ASN A 167 -31.19 -26.56 -25.68
N VAL A 168 -31.27 -25.57 -24.79
CA VAL A 168 -31.28 -25.81 -23.36
C VAL A 168 -32.38 -26.83 -23.05
N PHE A 169 -33.58 -26.54 -23.54
CA PHE A 169 -34.74 -27.34 -23.21
C PHE A 169 -34.84 -28.64 -23.99
N ASP A 170 -34.27 -28.68 -25.19
CA ASP A 170 -34.16 -29.93 -25.93
C ASP A 170 -33.22 -30.86 -25.18
N GLU A 171 -32.16 -30.29 -24.62
CA GLU A 171 -31.17 -31.05 -23.86
C GLU A 171 -31.69 -31.50 -22.49
N ALA A 172 -32.61 -30.71 -21.94
CA ALA A 172 -33.24 -31.03 -20.68
C ALA A 172 -34.17 -32.22 -20.84
N ILE A 173 -34.87 -32.28 -21.97
CA ILE A 173 -35.76 -33.38 -22.24
C ILE A 173 -34.94 -34.66 -22.37
N LEU A 174 -33.87 -34.57 -23.15
CA LEU A 174 -32.97 -35.71 -23.38
C LEU A 174 -32.41 -36.27 -22.08
N ALA A 175 -31.93 -35.38 -21.20
CA ALA A 175 -31.43 -35.75 -19.88
C ALA A 175 -32.49 -36.45 -19.02
N ALA A 176 -33.72 -35.95 -19.11
CA ALA A 176 -34.83 -36.51 -18.34
C ALA A 176 -35.33 -37.83 -18.94
N LEU A 177 -35.08 -38.04 -20.22
CA LEU A 177 -35.53 -39.25 -20.90
C LEU A 177 -34.58 -40.44 -20.76
N GLU A 178 -33.31 -40.16 -20.45
CA GLU A 178 -32.29 -41.21 -20.29
C GLU A 178 -32.61 -42.19 -19.16
N VAL B 15 -59.03 -25.40 7.46
CA VAL B 15 -58.88 -25.44 5.97
C VAL B 15 -57.62 -24.68 5.50
N LEU B 16 -57.42 -23.48 6.05
CA LEU B 16 -56.19 -22.68 5.82
C LEU B 16 -55.33 -22.62 7.08
N VAL B 17 -55.71 -23.39 8.08
CA VAL B 17 -55.04 -23.36 9.39
C VAL B 17 -53.63 -23.93 9.30
N LEU B 18 -53.48 -25.01 8.53
CA LEU B 18 -52.17 -25.64 8.30
C LEU B 18 -51.23 -24.80 7.42
N PHE B 19 -51.81 -23.85 6.69
CA PHE B 19 -51.06 -22.87 5.89
C PHE B 19 -50.35 -21.86 6.78
N GLU B 20 -51.06 -21.39 7.82
CA GLU B 20 -50.51 -20.40 8.75
C GLU B 20 -49.23 -20.90 9.40
N GLN B 21 -49.24 -22.16 9.84
CA GLN B 21 -48.08 -22.73 10.52
C GLN B 21 -46.93 -23.00 9.55
N MET B 22 -47.27 -23.41 8.32
CA MET B 22 -46.29 -23.63 7.27
C MET B 22 -45.43 -22.38 7.05
N LEU B 23 -46.09 -21.23 6.93
CA LEU B 23 -45.42 -19.95 6.73
C LEU B 23 -44.43 -19.62 7.86
N VAL B 24 -44.85 -19.88 9.10
CA VAL B 24 -44.00 -19.67 10.27
C VAL B 24 -42.84 -20.67 10.27
N ASP B 25 -43.13 -21.89 9.83
CA ASP B 25 -42.14 -22.97 9.78
C ASP B 25 -41.09 -22.77 8.68
N MET B 26 -41.40 -21.90 7.72
CA MET B 26 -40.46 -21.55 6.65
C MET B 26 -39.71 -20.24 6.93
N ASN B 27 -39.81 -19.75 8.17
CA ASN B 27 -38.99 -18.63 8.65
C ASN B 27 -39.13 -17.35 7.81
N LEU B 28 -40.37 -16.95 7.55
CA LEU B 28 -40.64 -15.80 6.69
C LEU B 28 -41.27 -14.68 7.49
N ASN B 29 -40.80 -13.45 7.29
CA ASN B 29 -41.42 -12.30 7.94
C ASN B 29 -42.71 -11.91 7.21
N GLU B 30 -43.45 -10.96 7.76
CA GLU B 30 -44.73 -10.54 7.19
C GLU B 30 -44.62 -10.12 5.73
N GLU B 31 -43.50 -9.49 5.38
CA GLU B 31 -43.27 -9.05 4.00
C GLU B 31 -43.14 -10.23 3.03
N LYS B 32 -42.30 -11.20 3.39
CA LYS B 32 -42.02 -12.35 2.55
C LYS B 32 -43.17 -13.36 2.50
N GLN B 33 -44.10 -13.24 3.44
CA GLN B 33 -45.31 -14.05 3.47
C GLN B 33 -46.34 -13.52 2.48
N GLN B 34 -46.31 -12.21 2.25
CA GLN B 34 -47.36 -11.50 1.52
C GLN B 34 -47.74 -12.07 0.14
N PRO B 35 -46.75 -12.33 -0.75
CA PRO B 35 -47.12 -12.92 -2.04
C PRO B 35 -47.63 -14.36 -1.94
N LEU B 36 -47.35 -15.02 -0.82
CA LEU B 36 -47.82 -16.38 -0.60
C LEU B 36 -49.25 -16.42 -0.06
N ARG B 37 -49.64 -15.36 0.62
CA ARG B 37 -50.99 -15.26 1.20
C ARG B 37 -52.01 -14.92 0.12
N GLU B 38 -51.52 -14.42 -1.01
CA GLU B 38 -52.37 -13.99 -2.12
C GLU B 38 -52.65 -15.10 -3.14
N LYS B 39 -51.83 -16.15 -3.13
CA LYS B 39 -52.05 -17.31 -3.98
C LYS B 39 -53.42 -17.93 -3.63
N ASP B 40 -54.19 -18.32 -4.65
CA ASP B 40 -55.53 -18.87 -4.45
C ASP B 40 -55.53 -20.18 -3.69
N ILE B 41 -56.66 -20.51 -3.06
CA ILE B 41 -56.81 -21.73 -2.26
C ILE B 41 -56.27 -22.98 -2.95
N VAL B 42 -56.41 -23.04 -4.28
CA VAL B 42 -55.97 -24.18 -5.08
C VAL B 42 -54.46 -24.42 -4.93
N ILE B 43 -53.67 -23.36 -5.02
CA ILE B 43 -52.22 -23.44 -4.89
C ILE B 43 -51.84 -23.70 -3.44
N LYS B 44 -52.50 -22.99 -2.53
CA LYS B 44 -52.32 -23.17 -1.09
C LYS B 44 -52.54 -24.62 -0.66
N ARG B 45 -53.55 -25.27 -1.24
CA ARG B 45 -53.89 -26.66 -0.92
C ARG B 45 -52.79 -27.63 -1.38
N GLU B 46 -52.18 -27.33 -2.52
CA GLU B 46 -51.11 -28.18 -3.05
C GLU B 46 -49.82 -27.99 -2.27
N MET B 47 -49.62 -26.75 -1.80
CA MET B 47 -48.45 -26.41 -0.98
C MET B 47 -48.43 -27.14 0.36
N VAL B 48 -49.53 -27.05 1.11
CA VAL B 48 -49.62 -27.68 2.44
C VAL B 48 -49.39 -29.20 2.37
N SER B 49 -49.83 -29.81 1.28
CA SER B 49 -49.64 -31.25 1.06
C SER B 49 -48.17 -31.56 0.84
N GLN B 50 -47.53 -30.79 -0.04
CA GLN B 50 -46.12 -30.98 -0.34
C GLN B 50 -45.24 -30.44 0.78
N TYR B 51 -45.86 -29.72 1.71
CA TYR B 51 -45.22 -29.37 2.97
C TYR B 51 -45.32 -30.54 3.96
N LEU B 52 -46.48 -31.20 3.97
CA LEU B 52 -46.67 -32.36 4.83
C LEU B 52 -45.88 -33.58 4.33
N HIS B 53 -45.60 -33.61 3.03
CA HIS B 53 -44.78 -34.68 2.44
C HIS B 53 -43.28 -34.52 2.74
N THR B 54 -42.77 -33.29 2.64
CA THR B 54 -41.33 -33.03 2.87
C THR B 54 -40.85 -33.27 4.31
N SER B 55 -41.78 -33.39 5.25
CA SER B 55 -41.45 -33.72 6.64
C SER B 55 -41.22 -35.22 6.83
N SER B 65 -32.67 -36.91 1.99
CA SER B 65 -32.89 -36.39 3.33
C SER B 65 -32.85 -37.52 4.37
N ARG B 66 -32.09 -37.28 5.44
CA ARG B 66 -32.12 -38.13 6.64
C ARG B 66 -32.39 -37.26 7.89
N SER B 67 -32.92 -37.87 8.95
CA SER B 67 -33.33 -37.13 10.13
C SER B 67 -32.17 -36.45 10.85
N ALA B 68 -32.51 -35.59 11.82
CA ALA B 68 -31.52 -34.89 12.64
C ALA B 68 -30.73 -35.85 13.52
N MET B 69 -31.41 -36.89 14.00
CA MET B 69 -30.84 -37.90 14.87
C MET B 69 -29.62 -38.57 14.23
N MET B 70 -29.73 -38.88 12.94
CA MET B 70 -28.64 -39.47 12.16
C MET B 70 -27.42 -38.55 12.05
N TYR B 71 -27.65 -37.24 12.03
CA TYR B 71 -26.56 -36.28 11.93
C TYR B 71 -25.78 -36.17 13.23
N ILE B 72 -26.47 -36.12 14.35
CA ILE B 72 -25.85 -36.16 15.67
C ILE B 72 -25.00 -37.44 15.79
N GLN B 73 -25.57 -38.55 15.32
CA GLN B 73 -24.91 -39.85 15.24
C GLN B 73 -23.55 -39.73 14.57
N GLU B 74 -23.55 -39.11 13.39
CA GLU B 74 -22.34 -38.96 12.58
C GLU B 74 -21.36 -37.97 13.20
N LEU B 75 -21.89 -36.87 13.71
CA LEU B 75 -21.08 -35.85 14.38
C LEU B 75 -20.35 -36.40 15.60
N ARG B 76 -20.84 -37.52 16.13
CA ARG B 76 -20.21 -38.18 17.27
C ARG B 76 -19.37 -39.38 16.83
N SER B 77 -19.34 -39.65 15.52
CA SER B 77 -18.75 -40.90 15.01
C SER B 77 -17.31 -40.76 14.52
N GLY B 78 -16.67 -39.64 14.86
CA GLY B 78 -15.25 -39.43 14.58
C GLY B 78 -14.87 -39.26 13.11
N LEU B 79 -15.72 -38.56 12.34
CA LEU B 79 -15.41 -38.24 10.95
C LEU B 79 -14.17 -37.35 10.82
N ARG B 80 -13.46 -37.51 9.70
CA ARG B 80 -12.21 -36.80 9.49
C ARG B 80 -12.07 -36.32 8.04
N ASP B 81 -11.35 -35.20 7.88
CA ASP B 81 -11.07 -34.59 6.57
C ASP B 81 -12.27 -34.60 5.64
N MET B 82 -12.08 -35.22 4.48
CA MET B 82 -13.08 -35.30 3.41
C MET B 82 -14.43 -35.90 3.86
N HIS B 83 -14.39 -36.90 4.73
CA HIS B 83 -15.62 -37.55 5.18
C HIS B 83 -16.41 -36.68 6.15
N LEU B 84 -15.70 -35.92 6.97
CA LEU B 84 -16.32 -34.92 7.84
C LEU B 84 -17.01 -33.83 7.02
N LEU B 85 -16.28 -33.29 6.04
CA LEU B 85 -16.77 -32.23 5.18
C LEU B 85 -18.09 -32.59 4.53
N SER B 86 -18.14 -33.74 3.86
CA SER B 86 -19.39 -34.23 3.23
C SER B 86 -20.56 -34.19 4.20
N CYS B 87 -20.35 -34.77 5.37
CA CYS B 87 -21.36 -34.76 6.40
C CYS B 87 -21.81 -33.33 6.71
N LEU B 88 -20.84 -32.44 6.93
CA LEU B 88 -21.10 -31.06 7.29
C LEU B 88 -21.84 -30.30 6.18
N GLU B 89 -21.40 -30.53 4.94
CA GLU B 89 -22.03 -29.94 3.76
C GLU B 89 -23.49 -30.40 3.69
N SER B 90 -23.73 -31.65 4.07
CA SER B 90 -25.05 -32.25 4.05
C SER B 90 -25.93 -31.76 5.21
N LEU B 91 -25.30 -31.51 6.36
CA LEU B 91 -26.00 -30.93 7.50
C LEU B 91 -26.42 -29.48 7.21
N ARG B 92 -25.53 -28.73 6.56
CA ARG B 92 -25.77 -27.34 6.23
C ARG B 92 -27.03 -27.17 5.37
N VAL B 93 -27.17 -28.03 4.35
CA VAL B 93 -28.32 -28.02 3.46
C VAL B 93 -29.59 -28.26 4.25
N SER B 94 -29.58 -29.28 5.11
CA SER B 94 -30.69 -29.59 6.02
C SER B 94 -31.08 -28.39 6.88
N LEU B 95 -30.09 -27.77 7.52
CA LEU B 95 -30.30 -26.60 8.36
C LEU B 95 -30.80 -25.36 7.57
N THR B 96 -30.46 -25.28 6.29
CA THR B 96 -30.87 -24.19 5.43
C THR B 96 -32.27 -24.40 4.81
N SER B 97 -32.50 -25.60 4.29
CA SER B 97 -33.65 -25.88 3.40
C SER B 97 -34.87 -26.51 4.07
N HIS B 98 -34.67 -27.22 5.16
CA HIS B 98 -35.78 -27.87 5.87
C HIS B 98 -36.54 -26.85 6.71
N PRO B 99 -37.78 -27.19 7.11
CA PRO B 99 -38.53 -26.25 7.96
C PRO B 99 -37.82 -25.98 9.28
N VAL B 100 -38.07 -24.81 9.87
CA VAL B 100 -37.50 -24.48 11.18
C VAL B 100 -37.72 -25.63 12.18
N SER B 101 -38.86 -26.30 12.11
CA SER B 101 -39.15 -27.47 12.95
C SER B 101 -38.11 -28.59 12.85
N TRP B 102 -37.46 -28.75 11.70
CA TRP B 102 -36.37 -29.73 11.57
C TRP B 102 -35.19 -29.26 12.40
N VAL B 103 -34.91 -27.96 12.31
CA VAL B 103 -33.88 -27.31 13.11
C VAL B 103 -34.16 -27.53 14.60
N GLN B 104 -35.43 -27.42 14.99
CA GLN B 104 -35.85 -27.71 16.36
C GLN B 104 -35.35 -29.10 16.79
N THR B 105 -35.64 -30.11 15.97
CA THR B 105 -35.25 -31.50 16.27
C THR B 105 -33.74 -31.65 16.46
N PHE B 106 -32.97 -30.85 15.72
CA PHE B 106 -31.51 -30.84 15.84
C PHE B 106 -31.16 -30.25 17.21
N GLY B 107 -31.65 -29.04 17.46
CA GLY B 107 -31.67 -28.42 18.79
C GLY B 107 -30.35 -28.29 19.52
N ALA B 108 -30.43 -28.26 20.84
CA ALA B 108 -29.25 -28.13 21.69
C ALA B 108 -28.28 -29.29 21.48
N GLU B 109 -28.82 -30.51 21.54
CA GLU B 109 -28.05 -31.74 21.41
C GLU B 109 -27.14 -31.70 20.17
N GLY B 110 -27.74 -31.33 19.04
CA GLY B 110 -27.02 -31.24 17.78
C GLY B 110 -26.01 -30.11 17.76
N LEU B 111 -26.41 -28.95 18.30
CA LEU B 111 -25.50 -27.81 18.44
C LEU B 111 -24.28 -28.16 19.29
N ALA B 112 -24.52 -28.86 20.41
CA ALA B 112 -23.45 -29.31 21.29
C ALA B 112 -22.40 -30.13 20.56
N SER B 113 -22.85 -31.15 19.82
CA SER B 113 -21.92 -32.05 19.12
C SER B 113 -21.25 -31.33 17.96
N LEU B 114 -22.00 -30.41 17.34
CA LEU B 114 -21.46 -29.55 16.29
C LEU B 114 -20.37 -28.62 16.83
N LEU B 115 -20.54 -28.15 18.07
CA LEU B 115 -19.54 -27.30 18.74
C LEU B 115 -18.35 -28.08 19.31
N ASP B 116 -18.55 -29.36 19.60
CA ASP B 116 -17.47 -30.21 20.09
C ASP B 116 -16.45 -30.47 19.01
N ILE B 117 -16.93 -30.64 17.79
CA ILE B 117 -16.07 -30.90 16.65
C ILE B 117 -15.25 -29.66 16.33
N LEU B 118 -15.89 -28.49 16.40
CA LEU B 118 -15.19 -27.22 16.21
C LEU B 118 -14.01 -27.10 17.17
N LYS B 119 -14.22 -27.50 18.42
CA LYS B 119 -13.17 -27.53 19.42
C LYS B 119 -12.05 -28.49 19.07
N ARG B 120 -12.41 -29.73 18.72
CA ARG B 120 -11.48 -30.76 18.28
C ARG B 120 -10.55 -30.24 17.17
N LEU B 121 -11.16 -29.55 16.20
CA LEU B 121 -10.44 -28.96 15.08
C LEU B 121 -9.44 -27.89 15.49
N HIS B 122 -9.77 -27.14 16.54
CA HIS B 122 -8.85 -26.16 17.13
C HIS B 122 -7.72 -26.85 17.90
N ASP B 123 -8.00 -28.04 18.43
CA ASP B 123 -7.04 -28.75 19.27
C ASP B 123 -6.00 -29.55 18.50
N GLU B 124 -6.12 -29.57 17.17
CA GLU B 124 -5.21 -30.33 16.32
C GLU B 124 -4.62 -29.50 15.18
N LYS B 125 -3.43 -28.96 15.41
CA LYS B 125 -2.74 -28.02 14.50
C LYS B 125 -3.67 -27.14 13.65
N ASP B 133 -8.39 -29.29 8.62
CA ASP B 133 -8.96 -28.51 7.52
C ASP B 133 -9.66 -27.24 8.00
N SER B 134 -9.29 -26.13 7.39
CA SER B 134 -10.02 -24.87 7.56
C SER B 134 -11.34 -24.90 6.78
N ARG B 135 -11.47 -25.87 5.87
CA ARG B 135 -12.73 -26.10 5.17
C ARG B 135 -13.77 -26.72 6.11
N ASN B 136 -13.33 -27.65 6.94
CA ASN B 136 -14.20 -28.22 7.97
C ASN B 136 -14.64 -27.20 9.00
N GLN B 137 -13.71 -26.33 9.41
CA GLN B 137 -14.01 -25.22 10.31
C GLN B 137 -15.01 -24.27 9.65
N HIS B 138 -14.73 -23.90 8.41
CA HIS B 138 -15.59 -22.99 7.68
C HIS B 138 -17.00 -23.55 7.55
N GLU B 139 -17.10 -24.85 7.27
CA GLU B 139 -18.39 -25.51 7.06
C GLU B 139 -19.27 -25.56 8.33
N ILE B 140 -18.66 -25.73 9.49
CA ILE B 140 -19.38 -25.68 10.75
C ILE B 140 -19.99 -24.29 10.97
N ILE B 141 -19.23 -23.26 10.61
CA ILE B 141 -19.74 -21.90 10.68
C ILE B 141 -20.90 -21.69 9.70
N ARG B 142 -20.78 -22.27 8.50
CA ARG B 142 -21.87 -22.22 7.52
C ARG B 142 -23.13 -22.89 8.09
N CYS B 143 -22.95 -24.02 8.78
CA CYS B 143 -24.01 -24.65 9.55
C CYS B 143 -24.56 -23.72 10.62
N LEU B 144 -23.65 -23.09 11.38
CA LEU B 144 -24.03 -22.17 12.43
C LEU B 144 -24.82 -20.98 11.89
N LYS B 145 -24.40 -20.46 10.73
CA LYS B 145 -25.11 -19.36 10.09
C LYS B 145 -26.58 -19.71 9.81
N ALA B 146 -26.81 -20.89 9.22
CA ALA B 146 -28.16 -21.35 8.93
C ALA B 146 -28.94 -21.63 10.20
N PHE B 147 -28.27 -22.22 11.18
CA PHE B 147 -28.88 -22.52 12.47
C PHE B 147 -29.43 -21.24 13.12
N MET B 148 -28.74 -20.12 12.92
CA MET B 148 -29.02 -18.89 13.65
C MET B 148 -29.89 -17.85 12.94
N ASN B 149 -30.33 -18.16 11.72
CA ASN B 149 -31.21 -17.24 10.99
C ASN B 149 -32.66 -17.26 11.49
N ASN B 150 -32.91 -18.03 12.55
CA ASN B 150 -34.23 -18.14 13.15
C ASN B 150 -34.18 -17.97 14.67
N LYS B 151 -35.29 -17.48 15.23
CA LYS B 151 -35.43 -17.22 16.67
C LYS B 151 -34.87 -18.35 17.53
N PHE B 152 -35.35 -19.57 17.28
CA PHE B 152 -34.92 -20.73 18.03
C PHE B 152 -33.41 -20.90 17.98
N GLY B 153 -32.85 -20.75 16.79
CA GLY B 153 -31.42 -20.90 16.59
C GLY B 153 -30.58 -19.96 17.44
N ILE B 154 -30.96 -18.67 17.45
CA ILE B 154 -30.25 -17.65 18.22
C ILE B 154 -30.38 -17.92 19.73
N LYS B 155 -31.59 -18.19 20.18
CA LYS B 155 -31.84 -18.52 21.58
C LYS B 155 -30.93 -19.65 22.03
N THR B 156 -30.96 -20.75 21.29
CA THR B 156 -30.19 -21.96 21.63
C THR B 156 -28.67 -21.70 21.62
N MET B 157 -28.22 -20.85 20.70
CA MET B 157 -26.82 -20.49 20.60
C MET B 157 -26.37 -19.65 21.80
N LEU B 158 -27.25 -18.74 22.22
CA LEU B 158 -27.01 -17.87 23.37
C LEU B 158 -26.91 -18.65 24.68
N GLU B 159 -27.60 -19.78 24.74
CA GLU B 159 -27.64 -20.61 25.94
C GLU B 159 -26.40 -21.51 26.09
N THR B 160 -25.51 -21.46 25.12
CA THR B 160 -24.30 -22.26 25.15
C THR B 160 -23.23 -21.58 25.99
N GLU B 161 -22.39 -22.38 26.64
CA GLU B 161 -21.29 -21.85 27.40
C GLU B 161 -20.14 -21.44 26.50
N GLU B 162 -19.94 -22.17 25.41
CA GLU B 162 -18.79 -21.99 24.54
C GLU B 162 -19.14 -21.50 23.13
N GLY B 163 -20.43 -21.30 22.89
CA GLY B 163 -20.93 -20.88 21.58
C GLY B 163 -20.28 -19.63 21.01
N ILE B 164 -20.34 -18.53 21.76
CA ILE B 164 -19.87 -17.23 21.26
C ILE B 164 -18.35 -17.14 21.17
N LEU B 165 -17.65 -17.82 22.07
CA LEU B 165 -16.19 -17.92 22.00
C LEU B 165 -15.76 -18.61 20.72
N LEU B 166 -16.38 -19.74 20.41
CA LEU B 166 -16.06 -20.49 19.20
C LEU B 166 -16.29 -19.68 17.93
N LEU B 167 -17.31 -18.82 17.96
CA LEU B 167 -17.54 -17.87 16.86
C LEU B 167 -16.42 -16.85 16.73
N VAL B 168 -16.01 -16.27 17.85
CA VAL B 168 -14.87 -15.36 17.89
C VAL B 168 -13.59 -16.03 17.38
N ARG B 169 -13.36 -17.27 17.81
CA ARG B 169 -12.15 -18.00 17.39
C ARG B 169 -12.12 -18.31 15.89
N ALA B 170 -13.29 -18.29 15.25
CA ALA B 170 -13.41 -18.55 13.83
C ALA B 170 -13.04 -17.31 13.01
N MET B 171 -12.70 -16.23 13.69
CA MET B 171 -12.27 -15.01 13.02
C MET B 171 -10.78 -15.08 12.69
N ASP B 172 -10.45 -15.94 11.72
CA ASP B 172 -9.09 -16.09 11.23
C ASP B 172 -8.92 -15.27 9.96
N PRO B 173 -8.01 -14.25 9.99
CA PRO B 173 -7.70 -13.48 8.79
C PRO B 173 -7.11 -14.34 7.68
N ALA B 174 -6.52 -15.48 8.05
CA ALA B 174 -6.02 -16.44 7.08
C ALA B 174 -7.15 -17.13 6.30
N VAL B 175 -8.31 -17.29 6.94
CA VAL B 175 -9.50 -17.83 6.27
C VAL B 175 -10.59 -16.75 6.17
N PRO B 176 -10.48 -15.87 5.14
CA PRO B 176 -11.32 -14.66 5.02
C PRO B 176 -12.83 -14.94 5.03
N ASN B 177 -13.26 -15.95 4.29
CA ASN B 177 -14.68 -16.25 4.14
C ASN B 177 -15.32 -16.71 5.43
N MET B 178 -14.56 -17.47 6.22
CA MET B 178 -15.03 -17.92 7.52
C MET B 178 -15.13 -16.74 8.47
N MET B 179 -14.11 -15.89 8.45
CA MET B 179 -14.13 -14.67 9.24
C MET B 179 -15.36 -13.81 8.94
N ILE B 180 -15.63 -13.55 7.64
CA ILE B 180 -16.82 -12.79 7.23
C ILE B 180 -18.10 -13.40 7.83
N ASP B 181 -18.20 -14.72 7.78
CA ASP B 181 -19.37 -15.41 8.28
C ASP B 181 -19.50 -15.33 9.78
N ALA B 182 -18.41 -15.65 10.50
CA ALA B 182 -18.33 -15.46 11.95
C ALA B 182 -18.63 -14.02 12.36
N ALA B 183 -17.94 -13.08 11.70
CA ALA B 183 -18.10 -11.66 11.99
C ALA B 183 -19.55 -11.21 11.88
N LYS B 184 -20.21 -11.61 10.79
CA LYS B 184 -21.57 -11.19 10.53
C LYS B 184 -22.55 -11.72 11.57
N LEU B 185 -22.34 -12.96 12.01
CA LEU B 185 -23.17 -13.53 13.06
C LEU B 185 -22.92 -12.78 14.36
N LEU B 186 -21.64 -12.54 14.65
CA LEU B 186 -21.25 -11.83 15.85
C LEU B 186 -21.83 -10.42 15.88
N SER B 187 -21.86 -9.77 14.71
CA SER B 187 -22.43 -8.44 14.55
C SER B 187 -23.92 -8.39 14.86
N ALA B 188 -24.64 -9.46 14.50
CA ALA B 188 -26.07 -9.53 14.72
C ALA B 188 -26.40 -9.74 16.20
N LEU B 189 -25.43 -10.24 16.95
CA LEU B 189 -25.65 -10.51 18.35
C LEU B 189 -25.52 -9.23 19.15
N CYS B 190 -24.49 -8.45 18.85
CA CYS B 190 -24.30 -7.12 19.44
C CYS B 190 -25.53 -6.22 19.28
N ILE B 191 -26.17 -6.28 18.11
CA ILE B 191 -27.40 -5.55 17.81
C ILE B 191 -28.58 -5.97 18.70
N LEU B 192 -28.54 -7.20 19.20
CA LEU B 192 -29.64 -7.77 19.97
C LEU B 192 -30.01 -6.99 21.23
N PRO B 193 -31.22 -6.44 21.27
CA PRO B 193 -31.72 -5.78 22.49
C PRO B 193 -32.18 -6.79 23.55
N GLN B 194 -32.78 -7.89 23.10
CA GLN B 194 -33.51 -8.83 23.98
C GLN B 194 -32.73 -9.33 25.20
N PRO B 195 -31.55 -9.99 25.00
CA PRO B 195 -30.69 -10.16 26.17
C PRO B 195 -29.77 -8.95 26.33
N GLU B 196 -29.72 -8.40 27.53
CA GLU B 196 -29.03 -7.12 27.75
C GLU B 196 -27.50 -7.25 27.74
N ASP B 197 -26.86 -6.29 27.05
CA ASP B 197 -25.41 -6.17 26.96
C ASP B 197 -24.71 -7.26 26.14
N MET B 198 -25.33 -7.64 25.03
CA MET B 198 -24.75 -8.60 24.10
C MET B 198 -23.40 -8.18 23.54
N ASN B 199 -23.18 -6.87 23.39
CA ASN B 199 -21.89 -6.37 22.93
C ASN B 199 -20.80 -6.66 23.95
N GLU B 200 -21.14 -6.55 25.23
CA GLU B 200 -20.25 -6.88 26.32
C GLU B 200 -20.01 -8.38 26.40
N ARG B 201 -21.02 -9.16 26.03
CA ARG B 201 -20.83 -10.62 25.96
C ARG B 201 -19.89 -11.03 24.84
N VAL B 202 -19.96 -10.34 23.70
CA VAL B 202 -19.04 -10.61 22.59
C VAL B 202 -17.61 -10.21 22.96
N LEU B 203 -17.46 -8.97 23.42
CA LEU B 203 -16.18 -8.43 23.90
C LEU B 203 -15.50 -9.34 24.92
N GLU B 204 -16.27 -9.79 25.91
CA GLU B 204 -15.85 -10.77 26.90
C GLU B 204 -15.22 -11.99 26.24
N ALA B 205 -15.91 -12.54 25.24
CA ALA B 205 -15.43 -13.70 24.47
C ALA B 205 -14.15 -13.39 23.69
N MET B 206 -14.05 -12.16 23.20
CA MET B 206 -12.86 -11.71 22.49
C MET B 206 -11.65 -11.52 23.41
N THR B 207 -11.91 -11.23 24.68
CA THR B 207 -10.86 -11.16 25.69
C THR B 207 -10.39 -12.58 25.99
N GLU B 208 -11.33 -13.51 26.05
CA GLU B 208 -11.05 -14.91 26.37
C GLU B 208 -10.21 -15.60 25.30
N ARG B 209 -10.45 -15.30 24.04
CA ARG B 209 -9.68 -15.89 22.96
C ARG B 209 -8.31 -15.21 22.83
N ALA B 210 -8.25 -13.93 23.19
CA ALA B 210 -7.00 -13.19 23.18
C ALA B 210 -6.04 -13.70 24.26
N GLU B 211 -6.60 -14.08 25.41
CA GLU B 211 -5.82 -14.53 26.55
C GLU B 211 -5.50 -16.02 26.53
N MET B 212 -5.87 -16.69 25.45
CA MET B 212 -5.41 -18.07 25.23
C MET B 212 -4.48 -18.11 24.03
N ASP B 213 -4.69 -17.20 23.07
CA ASP B 213 -3.84 -17.08 21.90
C ASP B 213 -2.60 -16.23 22.16
N GLU B 214 -2.58 -15.54 23.31
CA GLU B 214 -1.50 -14.61 23.67
C GLU B 214 -1.30 -13.48 22.64
N VAL B 215 -2.42 -12.89 22.21
CA VAL B 215 -2.39 -11.78 21.27
C VAL B 215 -3.37 -10.70 21.72
N GLU B 216 -3.28 -9.51 21.13
CA GLU B 216 -4.25 -8.42 21.37
C GLU B 216 -5.64 -8.86 20.95
N ARG B 217 -6.65 -8.44 21.71
CA ARG B 217 -8.02 -8.90 21.48
C ARG B 217 -8.62 -8.40 20.17
N PHE B 218 -8.20 -7.22 19.73
CA PHE B 218 -8.71 -6.64 18.50
C PHE B 218 -7.77 -6.83 17.29
N GLN B 219 -6.75 -7.65 17.47
CA GLN B 219 -5.77 -7.85 16.41
C GLN B 219 -6.35 -8.48 15.12
N PRO B 220 -7.18 -9.54 15.25
CA PRO B 220 -7.81 -10.12 14.06
C PRO B 220 -8.63 -9.11 13.28
N LEU B 221 -9.38 -8.27 14.00
CA LEU B 221 -10.19 -7.22 13.38
C LEU B 221 -9.33 -6.28 12.55
N LEU B 222 -8.15 -5.95 13.08
CA LEU B 222 -7.23 -5.07 12.37
C LEU B 222 -6.48 -5.75 11.22
N ASP B 223 -6.05 -6.99 11.42
CA ASP B 223 -5.46 -7.79 10.34
C ASP B 223 -6.42 -7.94 9.16
N GLY B 224 -7.71 -8.02 9.47
CA GLY B 224 -8.76 -8.06 8.46
C GLY B 224 -8.91 -6.77 7.67
N LEU B 225 -8.45 -5.67 8.25
CA LEU B 225 -8.57 -4.36 7.63
C LEU B 225 -7.34 -3.95 6.83
N LYS B 226 -6.24 -4.69 7.00
CA LYS B 226 -5.04 -4.47 6.19
C LYS B 226 -5.38 -4.48 4.70
N SER B 227 -4.73 -3.60 3.94
CA SER B 227 -4.87 -3.60 2.48
C SER B 227 -4.24 -4.88 1.91
N GLY B 228 -4.97 -5.54 1.02
CA GLY B 228 -4.58 -6.86 0.52
C GLY B 228 -5.68 -7.86 0.80
N THR B 229 -6.37 -7.67 1.92
CA THR B 229 -7.56 -8.44 2.28
C THR B 229 -8.73 -8.03 1.38
N SER B 230 -9.75 -8.88 1.27
CA SER B 230 -10.92 -8.59 0.44
C SER B 230 -11.73 -7.42 0.99
N ILE B 231 -12.50 -6.75 0.13
CA ILE B 231 -13.38 -5.69 0.58
C ILE B 231 -14.48 -6.22 1.49
N ALA B 232 -15.00 -7.40 1.18
CA ALA B 232 -16.04 -8.06 1.99
C ALA B 232 -15.57 -8.31 3.44
N LEU B 233 -14.29 -8.64 3.60
CA LEU B 233 -13.72 -8.86 4.91
C LEU B 233 -13.54 -7.53 5.63
N LYS B 234 -13.00 -6.53 4.91
CA LYS B 234 -12.87 -5.18 5.41
C LYS B 234 -14.21 -4.65 5.91
N VAL B 235 -15.26 -4.83 5.11
CA VAL B 235 -16.62 -4.41 5.47
C VAL B 235 -17.10 -5.14 6.73
N GLY B 236 -16.79 -6.44 6.80
CA GLY B 236 -17.17 -7.26 7.95
C GLY B 236 -16.54 -6.77 9.24
N CYS B 237 -15.25 -6.47 9.19
CA CYS B 237 -14.50 -6.04 10.35
C CYS B 237 -15.00 -4.73 10.93
N LEU B 238 -15.22 -3.74 10.05
CA LEU B 238 -15.73 -2.45 10.48
C LEU B 238 -17.13 -2.62 11.05
N GLN B 239 -17.93 -3.48 10.42
CA GLN B 239 -19.27 -3.75 10.90
C GLN B 239 -19.26 -4.27 12.34
N LEU B 240 -18.33 -5.18 12.63
CA LEU B 240 -18.24 -5.72 13.98
C LEU B 240 -17.76 -4.63 14.92
N ILE B 241 -16.71 -3.93 14.52
CA ILE B 241 -16.20 -2.80 15.29
C ILE B 241 -17.36 -1.88 15.65
N ASN B 242 -18.14 -1.48 14.64
CA ASN B 242 -19.27 -0.60 14.88
C ASN B 242 -20.30 -1.21 15.82
N ALA B 243 -20.54 -2.51 15.67
CA ALA B 243 -21.58 -3.20 16.43
C ALA B 243 -21.20 -3.32 17.89
N LEU B 244 -19.90 -3.41 18.16
CA LEU B 244 -19.39 -3.43 19.52
C LEU B 244 -19.55 -2.08 20.22
N ILE B 245 -19.38 -0.99 19.46
CA ILE B 245 -19.40 0.38 19.98
C ILE B 245 -20.79 1.01 20.03
N THR B 246 -21.61 0.74 19.03
CA THR B 246 -22.95 1.36 18.89
C THR B 246 -23.90 1.21 20.10
N PRO B 247 -24.15 -0.04 20.58
CA PRO B 247 -25.12 -0.25 21.66
C PRO B 247 -24.65 0.25 23.02
N ALA B 248 -23.35 0.53 23.13
CA ALA B 248 -22.78 1.03 24.39
C ALA B 248 -23.34 2.41 24.69
N GLU B 249 -24.01 2.53 25.83
CA GLU B 249 -24.61 3.80 26.25
C GLU B 249 -23.61 4.75 26.94
N GLU B 250 -22.61 4.15 27.58
CA GLU B 250 -21.61 4.87 28.37
C GLU B 250 -20.48 5.39 27.45
N LEU B 251 -20.29 6.71 27.44
CA LEU B 251 -19.28 7.38 26.61
C LEU B 251 -17.87 6.90 26.91
N ASP B 252 -17.59 6.58 28.17
CA ASP B 252 -16.29 6.04 28.58
C ASP B 252 -16.00 4.70 27.92
N PHE B 253 -17.03 3.88 27.74
CA PHE B 253 -16.87 2.58 27.14
C PHE B 253 -16.52 2.74 25.67
N ARG B 254 -17.26 3.60 24.99
CA ARG B 254 -17.04 3.87 23.57
C ARG B 254 -15.63 4.38 23.32
N VAL B 255 -15.19 5.36 24.12
CA VAL B 255 -13.84 5.93 23.96
C VAL B 255 -12.79 4.90 24.36
N HIS B 256 -13.08 4.14 25.41
CA HIS B 256 -12.20 3.09 25.90
C HIS B 256 -11.87 2.10 24.78
N ILE B 257 -12.87 1.49 24.16
CA ILE B 257 -12.55 0.48 23.14
C ILE B 257 -12.04 1.12 21.84
N ARG B 258 -12.50 2.33 21.55
CA ARG B 258 -12.05 3.06 20.36
C ARG B 258 -10.55 3.37 20.41
N SER B 259 -10.06 3.71 21.59
CA SER B 259 -8.66 4.08 21.72
C SER B 259 -7.79 2.83 21.81
N GLU B 260 -8.41 1.73 22.20
CA GLU B 260 -7.74 0.43 22.19
C GLU B 260 -7.54 0.00 20.75
N LEU B 261 -8.51 0.38 19.92
CA LEU B 261 -8.44 0.17 18.49
C LEU B 261 -7.36 1.05 17.88
N MET B 262 -7.46 2.33 18.22
CA MET B 262 -6.58 3.36 17.70
C MET B 262 -5.11 3.02 17.95
N ARG B 263 -4.85 2.49 19.14
CA ARG B 263 -3.50 2.09 19.53
C ARG B 263 -2.89 1.05 18.60
N LEU B 264 -3.71 0.12 18.12
CA LEU B 264 -3.23 -0.91 17.20
C LEU B 264 -3.18 -0.40 15.75
N GLY B 265 -3.24 0.93 15.59
CA GLY B 265 -3.10 1.58 14.30
C GLY B 265 -4.35 1.71 13.45
N LEU B 266 -5.52 1.75 14.08
CA LEU B 266 -6.78 1.88 13.35
C LEU B 266 -6.86 3.19 12.55
N HIS B 267 -6.31 4.26 13.13
CA HIS B 267 -6.35 5.58 12.53
C HIS B 267 -5.76 5.61 11.12
N GLN B 268 -4.60 4.99 10.96
CA GLN B 268 -3.91 4.98 9.67
C GLN B 268 -4.57 4.03 8.65
N VAL B 269 -5.04 2.87 9.09
CA VAL B 269 -5.72 1.95 8.18
C VAL B 269 -7.05 2.55 7.72
N LEU B 270 -7.58 3.47 8.53
CA LEU B 270 -8.83 4.13 8.26
C LEU B 270 -8.70 5.16 7.13
N GLN B 271 -7.50 5.71 6.96
CA GLN B 271 -7.20 6.61 5.83
C GLN B 271 -7.34 5.83 4.55
N GLU B 272 -6.81 4.60 4.55
CA GLU B 272 -6.82 3.71 3.40
C GLU B 272 -8.23 3.38 2.93
N LEU B 273 -9.11 3.07 3.89
CA LEU B 273 -10.47 2.63 3.57
C LEU B 273 -11.34 3.80 3.13
N ARG B 274 -10.97 5.00 3.56
CA ARG B 274 -11.67 6.22 3.17
C ARG B 274 -11.53 6.46 1.67
N GLU B 275 -10.61 5.72 1.06
CA GLU B 275 -10.30 5.85 -0.36
C GLU B 275 -11.14 4.92 -1.24
N ILE B 276 -11.25 3.65 -0.86
CA ILE B 276 -11.85 2.63 -1.74
C ILE B 276 -13.35 2.79 -2.01
N GLU B 277 -13.69 2.97 -3.28
CA GLU B 277 -15.05 3.30 -3.70
C GLU B 277 -15.96 2.09 -3.69
N ASN B 278 -16.55 1.86 -2.52
CA ASN B 278 -17.45 0.75 -2.28
C ASN B 278 -18.58 1.26 -1.40
N GLU B 279 -19.81 0.99 -1.80
CA GLU B 279 -20.99 1.51 -1.12
C GLU B 279 -21.15 0.94 0.29
N ASP B 280 -20.67 -0.29 0.48
CA ASP B 280 -20.79 -0.99 1.75
C ASP B 280 -19.74 -0.54 2.76
N MET B 281 -18.56 -0.19 2.28
CA MET B 281 -17.49 0.32 3.14
C MET B 281 -17.81 1.73 3.59
N LYS B 282 -18.39 2.52 2.70
CA LYS B 282 -18.74 3.90 2.99
C LYS B 282 -19.83 4.02 4.05
N VAL B 283 -20.74 3.04 4.10
CA VAL B 283 -21.80 3.05 5.11
C VAL B 283 -21.24 2.72 6.49
N GLN B 284 -20.21 1.86 6.52
CA GLN B 284 -19.61 1.43 7.78
C GLN B 284 -18.65 2.47 8.34
N LEU B 285 -17.89 3.11 7.45
CA LEU B 285 -17.01 4.22 7.81
C LEU B 285 -17.86 5.37 8.31
N CYS B 286 -19.02 5.53 7.69
CA CYS B 286 -19.95 6.59 8.01
C CYS B 286 -20.52 6.45 9.42
N VAL B 287 -20.93 5.25 9.79
CA VAL B 287 -21.43 4.96 11.14
C VAL B 287 -20.33 5.21 12.18
N PHE B 288 -19.14 4.69 11.90
CA PHE B 288 -17.96 4.89 12.75
C PHE B 288 -17.62 6.36 12.96
N ASP B 289 -17.52 7.11 11.86
CA ASP B 289 -17.16 8.53 11.92
C ASP B 289 -18.20 9.37 12.64
N GLU B 290 -19.47 9.05 12.42
CA GLU B 290 -20.55 9.79 13.06
C GLU B 290 -20.52 9.62 14.57
N GLN B 291 -20.18 8.41 15.01
CA GLN B 291 -20.09 8.06 16.42
C GLN B 291 -18.82 8.67 17.07
N GLY B 292 -17.69 8.56 16.38
CA GLY B 292 -16.44 9.17 16.82
C GLY B 292 -16.54 10.69 16.95
N ASP B 293 -17.32 11.31 16.06
CA ASP B 293 -17.57 12.75 16.09
C ASP B 293 -18.38 13.16 17.30
N GLU B 294 -19.49 12.48 17.52
CA GLU B 294 -20.36 12.77 18.65
C GLU B 294 -19.64 12.52 19.97
N ASP B 295 -18.80 11.48 20.01
CA ASP B 295 -18.01 11.17 21.18
C ASP B 295 -16.90 12.20 21.42
N PHE B 296 -16.32 12.71 20.34
CA PHE B 296 -15.33 13.79 20.38
C PHE B 296 -15.95 15.02 21.05
N PHE B 297 -17.08 15.47 20.50
CA PHE B 297 -17.86 16.58 21.05
C PHE B 297 -18.05 16.48 22.56
N ASP B 298 -18.56 15.33 23.03
CA ASP B 298 -18.84 15.10 24.45
C ASP B 298 -17.59 15.16 25.32
N LEU B 299 -16.53 14.50 24.87
CA LEU B 299 -15.30 14.40 25.64
C LEU B 299 -14.54 15.74 25.66
N LYS B 300 -14.67 16.51 24.58
CA LYS B 300 -14.12 17.85 24.49
C LYS B 300 -14.86 18.76 25.48
N GLY B 301 -16.17 18.55 25.60
CA GLY B 301 -16.96 19.27 26.60
C GLY B 301 -16.51 18.98 28.02
N ARG B 302 -16.09 17.74 28.26
CA ARG B 302 -15.58 17.32 29.56
C ARG B 302 -14.22 17.98 29.85
N LEU B 303 -13.42 18.17 28.79
CA LEU B 303 -12.11 18.80 28.91
C LEU B 303 -12.20 20.32 29.08
N ASP B 304 -13.17 20.93 28.41
CA ASP B 304 -13.45 22.35 28.64
C ASP B 304 -13.85 22.58 30.10
N ASP B 305 -14.61 21.64 30.67
CA ASP B 305 -15.06 21.76 32.05
C ASP B 305 -13.94 21.58 33.06
N ILE B 306 -13.11 20.56 32.84
CA ILE B 306 -11.94 20.34 33.68
C ILE B 306 -10.99 21.55 33.65
N ARG B 307 -10.86 22.17 32.46
CA ARG B 307 -10.00 23.33 32.28
C ARG B 307 -10.53 24.60 32.95
N MET B 308 -11.84 24.67 33.14
CA MET B 308 -12.47 25.77 33.87
C MET B 308 -12.26 25.62 35.37
N GLU B 309 -12.55 24.43 35.90
CA GLU B 309 -12.44 24.17 37.34
C GLU B 309 -10.99 23.97 37.78
N MET B 310 -10.35 22.91 37.27
CA MET B 310 -9.01 22.52 37.71
C MET B 310 -7.89 23.23 36.93
N ASP B 311 -7.75 24.53 37.21
CA ASP B 311 -6.89 25.46 36.45
C ASP B 311 -5.42 25.50 36.87
N ASP B 312 -5.07 24.78 37.95
CA ASP B 312 -3.68 24.70 38.40
C ASP B 312 -3.35 23.33 39.05
N PHE B 313 -2.09 23.15 39.41
CA PHE B 313 -1.59 21.86 39.89
C PHE B 313 -2.22 21.38 41.19
N GLY B 314 -2.38 22.27 42.15
CA GLY B 314 -3.01 21.93 43.44
C GLY B 314 -4.36 21.25 43.24
N GLU B 315 -5.24 21.91 42.49
CA GLU B 315 -6.55 21.36 42.15
C GLU B 315 -6.42 19.94 41.58
N VAL B 316 -5.56 19.81 40.57
CA VAL B 316 -5.35 18.56 39.84
C VAL B 316 -4.73 17.48 40.73
N PHE B 317 -3.78 17.86 41.57
CA PHE B 317 -3.19 16.92 42.52
C PHE B 317 -4.21 16.36 43.50
N GLN B 318 -5.12 17.20 43.99
CA GLN B 318 -6.17 16.74 44.90
C GLN B 318 -7.08 15.70 44.25
N ILE B 319 -7.38 15.87 42.97
CA ILE B 319 -8.21 14.91 42.29
C ILE B 319 -7.48 13.56 42.22
N ILE B 320 -6.19 13.59 41.92
CA ILE B 320 -5.40 12.37 41.84
C ILE B 320 -5.30 11.63 43.18
N LEU B 321 -5.12 12.39 44.27
CA LEU B 321 -5.01 11.81 45.60
C LEU B 321 -6.34 11.21 46.05
N ASN B 322 -7.43 11.92 45.78
CA ASN B 322 -8.77 11.50 46.18
C ASN B 322 -9.29 10.33 45.39
N THR B 323 -8.85 10.27 44.13
CA THR B 323 -9.55 9.52 43.10
C THR B 323 -8.71 8.37 42.54
N VAL B 324 -7.40 8.57 42.46
CA VAL B 324 -6.52 7.61 41.82
C VAL B 324 -5.63 6.89 42.84
N LYS B 325 -5.05 7.65 43.76
CA LYS B 325 -4.26 7.08 44.85
C LYS B 325 -5.11 6.10 45.63
N ASP B 326 -4.49 4.98 46.01
CA ASP B 326 -5.16 3.89 46.75
C ASP B 326 -6.20 3.11 45.91
N SER B 327 -6.33 3.46 44.63
CA SER B 327 -7.20 2.74 43.70
C SER B 327 -6.46 1.64 42.97
N LYS B 328 -7.21 0.82 42.23
CA LYS B 328 -6.62 -0.13 41.29
C LYS B 328 -5.93 0.60 40.15
N ALA B 329 -6.35 1.83 39.88
CA ALA B 329 -5.73 2.67 38.85
C ALA B 329 -4.38 3.28 39.24
N GLU B 330 -4.04 3.25 40.53
CA GLU B 330 -2.80 3.87 41.02
C GLU B 330 -1.52 3.48 40.26
N PRO B 331 -1.25 2.18 40.08
CA PRO B 331 0.03 1.79 39.48
C PRO B 331 0.24 2.31 38.06
N HIS B 332 -0.84 2.40 37.29
CA HIS B 332 -0.75 2.79 35.87
C HIS B 332 -0.59 4.29 35.73
N PHE B 333 -1.37 5.04 36.49
CA PHE B 333 -1.33 6.51 36.50
C PHE B 333 0.05 6.98 36.97
N LEU B 334 0.57 6.33 38.01
CA LEU B 334 1.91 6.59 38.50
C LEU B 334 2.96 6.37 37.40
N SER B 335 2.79 5.28 36.66
CA SER B 335 3.69 4.96 35.57
C SER B 335 3.66 6.00 34.42
N ILE B 336 2.49 6.52 34.11
CA ILE B 336 2.36 7.61 33.14
C ILE B 336 3.10 8.84 33.62
N LEU B 337 2.89 9.21 34.89
CA LEU B 337 3.60 10.34 35.48
C LEU B 337 5.10 10.17 35.34
N GLN B 338 5.59 8.98 35.71
CA GLN B 338 7.02 8.67 35.69
C GLN B 338 7.59 8.79 34.27
N HIS B 339 6.82 8.34 33.28
CA HIS B 339 7.25 8.43 31.89
C HIS B 339 7.40 9.88 31.44
N LEU B 340 6.67 10.78 32.09
CA LEU B 340 6.71 12.19 31.75
C LEU B 340 7.93 12.91 32.34
N LEU B 341 8.76 12.19 33.07
CA LEU B 341 9.85 12.83 33.80
C LEU B 341 11.23 12.26 33.46
N LEU B 342 11.35 11.71 32.27
CA LEU B 342 12.62 11.13 31.83
C LEU B 342 13.51 12.19 31.20
N VAL B 343 12.88 13.20 30.62
CA VAL B 343 13.59 14.36 30.09
C VAL B 343 14.21 15.14 31.26
N ARG B 344 15.45 15.61 31.06
CA ARG B 344 16.23 16.28 32.10
C ARG B 344 15.66 17.67 32.38
N ASN B 345 15.90 18.21 33.59
CA ASN B 345 15.54 19.61 33.89
C ASN B 345 16.32 20.56 32.98
N ASP B 346 17.59 20.23 32.76
CA ASP B 346 18.54 21.08 32.00
C ASP B 346 18.12 21.34 30.57
N TYR B 347 17.52 20.33 29.93
CA TYR B 347 17.21 20.36 28.50
C TYR B 347 16.66 21.72 28.08
N GLU B 348 17.28 22.29 27.05
CA GLU B 348 16.96 23.64 26.62
C GLU B 348 15.64 23.73 25.88
N ALA B 349 15.05 22.58 25.56
CA ALA B 349 13.79 22.55 24.81
C ALA B 349 12.69 21.68 25.45
N ARG B 350 12.68 21.54 26.77
CA ARG B 350 11.61 20.77 27.41
C ARG B 350 10.21 21.35 27.22
N PRO B 351 10.05 22.68 27.31
CA PRO B 351 8.73 23.22 27.03
C PRO B 351 8.23 22.72 25.70
N GLN B 352 9.07 22.83 24.67
CA GLN B 352 8.72 22.38 23.31
C GLN B 352 8.43 20.86 23.29
N TYR B 353 9.33 20.08 23.88
CA TYR B 353 9.15 18.64 24.03
C TYR B 353 7.82 18.28 24.68
N TYR B 354 7.51 18.91 25.81
CA TYR B 354 6.27 18.66 26.54
C TYR B 354 5.04 19.12 25.75
N LYS B 355 5.22 20.15 24.92
CA LYS B 355 4.16 20.61 24.03
C LYS B 355 3.86 19.52 23.00
N LEU B 356 4.91 18.86 22.51
CA LEU B 356 4.76 17.76 21.57
C LEU B 356 4.13 16.54 22.24
N ILE B 357 4.59 16.19 23.45
CA ILE B 357 4.00 15.09 24.19
C ILE B 357 2.52 15.35 24.46
N GLU B 358 2.18 16.60 24.75
CA GLU B 358 0.82 17.01 25.01
C GLU B 358 -0.07 16.75 23.80
N GLU B 359 0.45 17.07 22.62
CA GLU B 359 -0.29 16.81 21.40
C GLU B 359 -0.55 15.31 21.22
N CYS B 360 0.47 14.51 21.47
CA CYS B 360 0.39 13.04 21.38
C CYS B 360 -0.62 12.44 22.36
N VAL B 361 -0.54 12.87 23.62
CA VAL B 361 -1.47 12.44 24.66
C VAL B 361 -2.89 12.86 24.29
N SER B 362 -3.02 14.07 23.77
CA SER B 362 -4.32 14.61 23.36
C SER B 362 -4.97 13.76 22.27
N GLN B 363 -4.21 13.43 21.23
CA GLN B 363 -4.73 12.58 20.15
C GLN B 363 -5.10 11.17 20.66
N ILE B 364 -4.39 10.70 21.68
CA ILE B 364 -4.68 9.41 22.28
C ILE B 364 -6.00 9.45 23.04
N VAL B 365 -6.19 10.48 23.85
CA VAL B 365 -7.38 10.59 24.70
C VAL B 365 -8.58 11.05 23.89
N LEU B 366 -8.41 12.17 23.17
CA LEU B 366 -9.41 12.71 22.26
C LEU B 366 -9.05 12.43 20.81
N HIS B 367 -9.77 11.52 20.17
CA HIS B 367 -9.35 11.08 18.83
C HIS B 367 -9.50 12.16 17.75
N MET C 1 51.33 14.96 -34.24
CA MET C 1 50.59 14.33 -35.39
C MET C 1 49.13 14.79 -35.50
N GLN C 2 48.73 15.20 -36.70
CA GLN C 2 47.35 15.53 -36.96
C GLN C 2 46.54 14.30 -37.31
N THR C 3 45.32 14.27 -36.77
CA THR C 3 44.41 13.14 -36.93
C THR C 3 42.99 13.65 -36.89
N ILE C 4 42.04 12.81 -37.24
CA ILE C 4 40.67 13.09 -36.89
C ILE C 4 40.51 12.82 -35.39
N LYS C 5 40.45 13.91 -34.61
CA LYS C 5 40.30 13.79 -33.17
C LYS C 5 38.86 13.43 -32.80
N CYS C 6 38.72 12.27 -32.16
CA CYS C 6 37.45 11.72 -31.73
C CYS C 6 37.47 11.47 -30.22
N VAL C 7 36.63 12.20 -29.49
CA VAL C 7 36.55 12.06 -28.03
C VAL C 7 35.33 11.24 -27.64
N VAL C 8 35.51 10.34 -26.68
CA VAL C 8 34.46 9.40 -26.24
C VAL C 8 34.05 9.73 -24.81
N VAL C 9 32.76 10.02 -24.61
CA VAL C 9 32.18 10.32 -23.28
C VAL C 9 30.90 9.53 -22.99
N GLY C 10 30.54 9.45 -21.71
CA GLY C 10 29.37 8.70 -21.24
C GLY C 10 29.59 8.19 -19.82
N ASP C 11 28.50 7.82 -19.13
CA ASP C 11 28.57 7.26 -17.77
C ASP C 11 29.64 6.16 -17.61
N GLY C 12 30.08 5.97 -16.37
CA GLY C 12 30.98 4.86 -16.04
C GLY C 12 30.29 3.54 -16.32
N ALA C 13 31.07 2.53 -16.67
CA ALA C 13 30.56 1.18 -16.93
C ALA C 13 29.51 1.14 -18.07
N VAL C 14 29.63 2.09 -18.99
CA VAL C 14 28.82 2.10 -20.19
C VAL C 14 29.49 1.27 -21.29
N GLY C 15 30.82 1.24 -21.26
CA GLY C 15 31.58 0.37 -22.15
C GLY C 15 32.48 1.09 -23.12
N LYS C 16 32.88 2.32 -22.79
CA LYS C 16 33.70 3.14 -23.68
C LYS C 16 35.07 2.53 -23.91
N THR C 17 35.76 2.19 -22.83
CA THR C 17 37.11 1.66 -22.94
C THR C 17 37.09 0.37 -23.75
N CYS C 18 36.15 -0.52 -23.43
CA CYS C 18 36.00 -1.80 -24.12
C CYS C 18 35.77 -1.60 -25.59
N LEU C 19 34.92 -0.64 -25.92
CA LEU C 19 34.61 -0.25 -27.27
C LEU C 19 35.88 0.16 -28.01
N LEU C 20 36.75 0.91 -27.34
CA LEU C 20 38.03 1.35 -27.88
C LEU C 20 39.06 0.22 -27.97
N ILE C 21 39.19 -0.57 -26.90
CA ILE C 21 40.12 -1.70 -26.89
C ILE C 21 39.69 -2.69 -27.96
N SER C 22 38.41 -3.06 -27.93
CA SER C 22 37.84 -4.04 -28.85
C SER C 22 38.03 -3.64 -30.30
N TYR C 23 37.85 -2.35 -30.58
CA TYR C 23 37.95 -1.87 -31.96
C TYR C 23 39.40 -1.82 -32.45
N THR C 24 40.29 -1.35 -31.59
CA THR C 24 41.66 -1.05 -32.00
C THR C 24 42.62 -2.22 -31.78
N THR C 25 42.23 -3.19 -30.96
CA THR C 25 43.11 -4.32 -30.67
C THR C 25 42.47 -5.69 -30.91
N ASN C 26 41.16 -5.71 -31.16
CA ASN C 26 40.38 -6.94 -31.37
C ASN C 26 40.31 -7.87 -30.17
N LYS C 27 40.61 -7.32 -28.99
CA LYS C 27 40.54 -8.07 -27.74
C LYS C 27 39.56 -7.38 -26.80
N PHE C 28 38.99 -8.15 -25.88
CA PHE C 28 38.04 -7.60 -24.91
C PHE C 28 38.61 -7.76 -23.50
N PRO C 29 38.96 -6.64 -22.84
CA PRO C 29 39.47 -6.78 -21.48
C PRO C 29 38.35 -7.24 -20.57
N SER C 30 38.62 -8.31 -19.81
CA SER C 30 37.63 -8.88 -18.91
C SER C 30 37.49 -8.02 -17.65
N GLU C 31 38.64 -7.67 -17.07
CA GLU C 31 38.69 -6.82 -15.88
C GLU C 31 38.20 -5.41 -16.16
N TYR C 32 37.58 -4.79 -15.17
CA TYR C 32 37.14 -3.40 -15.25
C TYR C 32 38.09 -2.50 -14.47
N VAL C 33 38.61 -1.48 -15.15
CA VAL C 33 39.43 -0.46 -14.51
C VAL C 33 38.91 0.91 -14.94
N PRO C 34 38.39 1.70 -13.98
CA PRO C 34 37.82 3.01 -14.33
C PRO C 34 38.90 3.88 -14.94
N THR C 35 38.63 4.48 -16.09
CA THR C 35 39.66 5.21 -16.79
C THR C 35 39.75 6.67 -16.37
N VAL C 36 40.96 7.20 -16.23
CA VAL C 36 41.15 8.64 -16.04
C VAL C 36 41.16 9.30 -17.42
N PHE C 37 42.18 8.99 -18.23
CA PHE C 37 42.19 9.34 -19.65
C PHE C 37 43.27 8.55 -20.41
N ASP C 38 42.90 8.08 -21.60
CA ASP C 38 43.80 7.28 -22.41
C ASP C 38 43.67 7.67 -23.86
N ASN C 39 44.76 7.54 -24.59
CA ASN C 39 44.78 7.78 -26.03
C ASN C 39 44.86 6.48 -26.79
N TYR C 40 44.13 6.41 -27.90
CA TYR C 40 44.21 5.31 -28.86
C TYR C 40 44.28 5.85 -30.28
N ALA C 41 44.70 5.00 -31.21
CA ALA C 41 44.88 5.42 -32.60
C ALA C 41 44.63 4.27 -33.56
N VAL C 42 43.98 4.58 -34.67
CA VAL C 42 43.70 3.60 -35.70
C VAL C 42 43.85 4.20 -37.11
N THR C 43 44.11 3.35 -38.10
CA THR C 43 44.09 3.78 -39.48
C THR C 43 42.93 3.09 -40.21
N VAL C 44 42.12 3.87 -40.90
CA VAL C 44 41.00 3.33 -41.67
C VAL C 44 41.13 3.73 -43.15
N MET C 45 41.15 2.72 -44.02
CA MET C 45 41.19 2.95 -45.45
C MET C 45 39.80 3.29 -45.98
N ILE C 46 39.68 4.45 -46.62
CA ILE C 46 38.45 4.84 -47.30
C ILE C 46 38.78 5.03 -48.77
N GLY C 47 38.18 4.19 -49.61
CA GLY C 47 38.43 4.22 -51.06
C GLY C 47 39.91 4.28 -51.39
N GLY C 48 40.69 3.38 -50.80
CA GLY C 48 42.13 3.29 -51.07
C GLY C 48 42.97 4.45 -50.53
N GLU C 49 42.39 5.20 -49.60
CA GLU C 49 43.08 6.33 -48.98
C GLU C 49 43.06 6.19 -47.46
N PRO C 50 44.25 6.33 -46.82
CA PRO C 50 44.39 6.25 -45.37
C PRO C 50 43.78 7.44 -44.65
N TYR C 51 42.96 7.15 -43.64
CA TYR C 51 42.41 8.16 -42.75
C TYR C 51 42.78 7.81 -41.31
N THR C 52 43.32 8.79 -40.61
CA THR C 52 43.90 8.53 -39.32
C THR C 52 43.05 9.11 -38.19
N LEU C 53 42.71 8.25 -37.23
CA LEU C 53 41.73 8.58 -36.19
C LEU C 53 42.32 8.58 -34.79
N GLY C 54 42.23 9.72 -34.11
CA GLY C 54 42.78 9.90 -32.78
C GLY C 54 41.69 9.76 -31.73
N LEU C 55 41.80 8.72 -30.91
CA LEU C 55 40.71 8.32 -30.04
C LEU C 55 41.04 8.63 -28.58
N PHE C 56 40.24 9.51 -27.99
CA PHE C 56 40.45 9.99 -26.63
C PHE C 56 39.43 9.39 -25.68
N ASP C 57 39.90 8.56 -24.76
CA ASP C 57 39.06 7.91 -23.78
C ASP C 57 39.01 8.78 -22.54
N THR C 58 37.81 9.00 -22.00
CA THR C 58 37.62 9.87 -20.85
C THR C 58 36.97 9.14 -19.67
N ALA C 59 37.00 9.77 -18.50
CA ALA C 59 36.46 9.21 -17.28
C ALA C 59 34.94 9.39 -17.16
N GLY C 60 34.24 8.29 -16.91
CA GLY C 60 32.81 8.35 -16.67
C GLY C 60 32.43 8.83 -15.28
N GLN C 61 33.36 8.73 -14.33
CA GLN C 61 33.13 9.19 -12.96
C GLN C 61 32.93 10.70 -12.87
N GLU C 62 32.07 11.10 -11.95
CA GLU C 62 31.86 12.50 -11.57
C GLU C 62 33.08 13.14 -10.91
N ASP C 63 33.97 12.31 -10.36
CA ASP C 63 35.13 12.82 -9.65
C ASP C 63 36.13 13.51 -10.57
N TYR C 64 36.09 13.16 -11.86
CA TYR C 64 36.99 13.75 -12.83
C TYR C 64 36.29 14.71 -13.75
N ASP C 65 35.11 15.20 -13.32
CA ASP C 65 34.34 16.18 -14.06
C ASP C 65 35.20 17.39 -14.48
N ARG C 66 36.11 17.82 -13.61
CA ARG C 66 36.93 18.99 -13.89
C ARG C 66 38.19 18.65 -14.69
N LEU C 67 38.51 17.36 -14.77
CA LEU C 67 39.64 16.88 -15.58
C LEU C 67 39.24 16.66 -17.03
N ARG C 68 38.04 16.12 -17.23
CA ARG C 68 37.59 15.75 -18.57
C ARG C 68 37.81 16.83 -19.64
N PRO C 69 37.42 18.09 -19.36
CA PRO C 69 37.49 19.11 -20.40
C PRO C 69 38.87 19.31 -21.02
N LEU C 70 39.92 18.76 -20.39
CA LEU C 70 41.27 18.79 -20.97
C LEU C 70 41.39 17.97 -22.24
N SER C 71 40.46 17.02 -22.42
CA SER C 71 40.42 16.18 -23.61
C SER C 71 39.72 16.86 -24.78
N TYR C 72 39.02 17.96 -24.49
CA TYR C 72 38.10 18.57 -25.44
C TYR C 72 38.67 19.51 -26.51
N PRO C 73 39.72 20.28 -26.20
CA PRO C 73 40.24 21.25 -27.20
C PRO C 73 40.47 20.66 -28.60
N GLN C 74 39.98 21.37 -29.63
CA GLN C 74 40.14 20.99 -31.05
C GLN C 74 39.60 19.60 -31.40
N THR C 75 38.47 19.24 -30.80
CA THR C 75 37.82 17.97 -31.11
C THR C 75 37.11 18.10 -32.46
N ASP C 76 37.23 17.06 -33.29
CA ASP C 76 36.54 17.02 -34.59
C ASP C 76 35.22 16.24 -34.53
N VAL C 77 35.14 15.25 -33.64
CA VAL C 77 33.91 14.49 -33.44
C VAL C 77 33.82 13.91 -32.03
N PHE C 78 32.62 13.91 -31.45
CA PHE C 78 32.38 13.25 -30.15
C PHE C 78 31.59 11.97 -30.32
N LEU C 79 31.88 10.97 -29.50
CA LEU C 79 30.95 9.85 -29.38
C LEU C 79 30.36 9.90 -27.99
N VAL C 80 29.04 10.12 -27.91
CA VAL C 80 28.32 10.17 -26.64
C VAL C 80 27.65 8.83 -26.39
N CYS C 81 28.19 8.08 -25.44
CA CYS C 81 27.80 6.70 -25.23
C CYS C 81 26.82 6.50 -24.08
N PHE C 82 25.90 5.55 -24.28
CA PHE C 82 25.05 5.04 -23.23
C PHE C 82 24.88 3.54 -23.48
N SER C 83 24.61 2.78 -22.43
CA SER C 83 24.37 1.37 -22.56
C SER C 83 22.89 1.17 -22.76
N VAL C 84 22.53 0.44 -23.81
CA VAL C 84 21.11 0.15 -24.10
C VAL C 84 20.39 -0.62 -22.99
N VAL C 85 21.16 -1.15 -22.04
CA VAL C 85 20.58 -1.87 -20.91
C VAL C 85 20.74 -1.09 -19.59
N SER C 86 21.01 0.21 -19.73
CA SER C 86 21.07 1.13 -18.60
C SER C 86 20.33 2.42 -18.95
N PRO C 87 19.00 2.46 -18.69
CA PRO C 87 18.19 3.66 -18.89
C PRO C 87 18.77 4.88 -18.16
N SER C 88 19.45 4.63 -17.05
CA SER C 88 20.16 5.66 -16.32
C SER C 88 21.18 6.43 -17.18
N SER C 89 22.02 5.70 -17.91
CA SER C 89 23.04 6.32 -18.75
C SER C 89 22.40 7.05 -19.93
N PHE C 90 21.28 6.51 -20.41
CA PHE C 90 20.55 7.12 -21.50
C PHE C 90 20.04 8.51 -21.09
N GLU C 91 19.48 8.60 -19.89
CA GLU C 91 19.02 9.89 -19.37
C GLU C 91 20.14 10.92 -19.18
N ASN C 92 21.33 10.45 -18.81
CA ASN C 92 22.46 11.36 -18.58
C ASN C 92 23.09 11.88 -19.86
N VAL C 93 22.79 11.24 -20.98
CA VAL C 93 23.15 11.76 -22.30
C VAL C 93 22.50 13.14 -22.48
N LYS C 94 21.35 13.30 -21.85
CA LYS C 94 20.51 14.47 -22.02
C LYS C 94 20.71 15.53 -20.90
N GLU C 95 20.83 15.05 -19.66
CA GLU C 95 20.98 15.93 -18.50
C GLU C 95 22.43 16.36 -18.30
N LYS C 96 23.37 15.50 -18.69
CA LYS C 96 24.78 15.77 -18.45
C LYS C 96 25.62 15.92 -19.73
N TRP C 97 25.68 14.86 -20.54
CA TRP C 97 26.74 14.73 -21.54
C TRP C 97 26.65 15.68 -22.73
N VAL C 98 25.48 15.77 -23.33
CA VAL C 98 25.32 16.62 -24.50
C VAL C 98 25.47 18.09 -24.10
N PRO C 99 24.80 18.52 -23.02
CA PRO C 99 25.07 19.89 -22.57
C PRO C 99 26.53 20.18 -22.19
N GLU C 100 27.27 19.15 -21.79
CA GLU C 100 28.69 19.31 -21.43
C GLU C 100 29.58 19.52 -22.67
N ILE C 101 29.43 18.65 -23.67
CA ILE C 101 30.22 18.80 -24.89
C ILE C 101 29.80 20.03 -25.70
N THR C 102 28.49 20.30 -25.72
CA THR C 102 27.97 21.51 -26.34
C THR C 102 28.63 22.74 -25.76
N HIS C 103 28.74 22.78 -24.43
CA HIS C 103 29.29 23.95 -23.75
C HIS C 103 30.72 24.21 -24.17
N HIS C 104 31.55 23.18 -24.16
CA HIS C 104 32.98 23.30 -24.47
C HIS C 104 33.28 23.36 -25.96
N CYS C 105 32.45 22.68 -26.76
CA CYS C 105 32.69 22.57 -28.19
C CYS C 105 31.39 22.81 -28.93
N PRO C 106 30.88 24.05 -28.93
CA PRO C 106 29.63 24.23 -29.65
C PRO C 106 29.89 24.06 -31.15
N LYS C 107 28.88 23.57 -31.86
CA LYS C 107 28.99 23.36 -33.32
C LYS C 107 30.17 22.46 -33.76
N THR C 108 30.55 21.49 -32.93
CA THR C 108 31.32 20.33 -33.39
C THR C 108 30.44 19.09 -33.25
N PRO C 109 30.36 18.28 -34.33
CA PRO C 109 29.27 17.28 -34.37
C PRO C 109 29.49 16.14 -33.38
N PHE C 110 28.44 15.38 -33.12
CA PHE C 110 28.55 14.20 -32.28
C PHE C 110 27.59 13.10 -32.70
N LEU C 111 27.98 11.86 -32.40
CA LEU C 111 27.16 10.69 -32.65
C LEU C 111 26.60 10.18 -31.33
N LEU C 112 25.35 9.74 -31.36
CA LEU C 112 24.80 9.01 -30.22
C LEU C 112 25.15 7.53 -30.41
N VAL C 113 25.89 6.98 -29.46
CA VAL C 113 26.34 5.60 -29.56
C VAL C 113 25.70 4.73 -28.47
N GLY C 114 24.91 3.75 -28.91
CA GLY C 114 24.35 2.74 -28.00
C GLY C 114 25.30 1.57 -27.84
N THR C 115 25.57 1.17 -26.60
CA THR C 115 26.57 0.15 -26.33
C THR C 115 25.98 -1.06 -25.62
N GLN C 116 26.78 -2.12 -25.54
CA GLN C 116 26.42 -3.36 -24.85
C GLN C 116 25.14 -3.94 -25.43
N ILE C 117 25.02 -3.82 -26.73
CA ILE C 117 23.81 -4.20 -27.46
C ILE C 117 23.50 -5.71 -27.43
N ASP C 118 24.50 -6.52 -27.09
CA ASP C 118 24.34 -7.97 -26.95
C ASP C 118 23.51 -8.37 -25.72
N LEU C 119 23.44 -7.47 -24.74
CA LEU C 119 22.68 -7.72 -23.52
C LEU C 119 21.23 -7.28 -23.61
N ARG C 120 20.82 -6.75 -24.76
CA ARG C 120 19.45 -6.28 -24.94
C ARG C 120 18.43 -7.43 -24.96
N ASP C 121 18.88 -8.61 -25.37
CA ASP C 121 18.02 -9.81 -25.39
C ASP C 121 18.41 -10.82 -24.33
N ASP C 122 19.28 -10.43 -23.41
CA ASP C 122 19.66 -11.29 -22.29
C ASP C 122 18.53 -11.26 -21.25
N PRO C 123 17.90 -12.43 -21.01
CA PRO C 123 16.77 -12.52 -20.07
C PRO C 123 17.13 -12.14 -18.64
N SER C 124 18.35 -12.47 -18.23
CA SER C 124 18.88 -12.13 -16.92
C SER C 124 18.94 -10.62 -16.73
N THR C 125 19.39 -9.92 -17.77
CA THR C 125 19.46 -8.46 -17.79
C THR C 125 18.07 -7.82 -17.86
N ILE C 126 17.19 -8.42 -18.66
CA ILE C 126 15.84 -7.90 -18.88
C ILE C 126 15.00 -7.94 -17.59
N GLU C 127 15.12 -9.05 -16.86
CA GLU C 127 14.38 -9.23 -15.62
C GLU C 127 14.91 -8.32 -14.51
N LYS C 128 16.23 -8.16 -14.43
CA LYS C 128 16.84 -7.22 -13.49
C LYS C 128 16.27 -5.82 -13.70
N LEU C 129 16.18 -5.40 -14.96
CA LEU C 129 15.56 -4.13 -15.31
C LEU C 129 14.07 -4.07 -14.93
N ALA C 130 13.33 -5.12 -15.28
CA ALA C 130 11.87 -5.21 -15.03
C ALA C 130 11.51 -5.11 -13.55
N LYS C 131 12.34 -5.71 -12.69
CA LYS C 131 12.20 -5.59 -11.23
C LYS C 131 12.24 -4.13 -10.78
N ASN C 132 12.93 -3.29 -11.56
CA ASN C 132 13.00 -1.85 -11.31
C ASN C 132 12.02 -1.03 -12.15
N LYS C 133 11.05 -1.72 -12.77
CA LYS C 133 10.09 -1.09 -13.68
C LYS C 133 10.78 -0.43 -14.89
N GLN C 134 11.89 -1.02 -15.31
CA GLN C 134 12.67 -0.48 -16.42
C GLN C 134 12.77 -1.48 -17.56
N LYS C 135 13.18 -1.01 -18.72
CA LYS C 135 13.32 -1.86 -19.91
C LYS C 135 14.50 -1.37 -20.74
N PRO C 136 15.04 -2.23 -21.63
CA PRO C 136 16.08 -1.74 -22.53
C PRO C 136 15.63 -0.58 -23.43
N ILE C 137 16.58 0.24 -23.84
CA ILE C 137 16.35 1.26 -24.86
C ILE C 137 16.33 0.61 -26.23
N THR C 138 15.22 0.77 -26.94
CA THR C 138 15.10 0.23 -28.28
C THR C 138 15.80 1.17 -29.24
N PRO C 139 16.24 0.65 -30.41
CA PRO C 139 16.88 1.53 -31.38
C PRO C 139 16.01 2.74 -31.72
N GLU C 140 14.70 2.55 -31.77
CA GLU C 140 13.79 3.60 -32.19
C GLU C 140 13.65 4.75 -31.17
N THR C 141 13.73 4.40 -29.88
CA THR C 141 13.79 5.40 -28.80
C THR C 141 15.08 6.23 -28.93
N ALA C 142 16.19 5.54 -29.15
CA ALA C 142 17.49 6.20 -29.26
C ALA C 142 17.57 7.13 -30.47
N GLU C 143 17.00 6.72 -31.60
CA GLU C 143 16.93 7.55 -32.81
C GLU C 143 16.12 8.82 -32.58
N LYS C 144 15.16 8.75 -31.68
CA LYS C 144 14.32 9.89 -31.34
C LYS C 144 15.10 10.90 -30.50
N LEU C 145 15.92 10.39 -29.60
CA LEU C 145 16.73 11.24 -28.75
C LEU C 145 17.79 11.94 -29.59
N ALA C 146 18.35 11.20 -30.55
CA ALA C 146 19.37 11.72 -31.45
C ALA C 146 18.88 12.94 -32.24
N ARG C 147 17.69 12.83 -32.84
CA ARG C 147 17.07 13.94 -33.59
C ARG C 147 16.76 15.14 -32.70
N ASP C 148 16.35 14.86 -31.46
CA ASP C 148 16.00 15.91 -30.49
C ASP C 148 17.22 16.70 -30.00
N LEU C 149 18.32 16.00 -29.78
CA LEU C 149 19.55 16.64 -29.27
C LEU C 149 20.46 17.11 -30.40
N LYS C 150 19.97 16.98 -31.63
CA LYS C 150 20.70 17.39 -32.84
C LYS C 150 22.03 16.66 -33.01
N ALA C 151 22.04 15.36 -32.72
CA ALA C 151 23.18 14.50 -33.04
C ALA C 151 23.23 14.24 -34.55
N VAL C 152 24.41 13.91 -35.07
CA VAL C 152 24.54 13.59 -36.49
C VAL C 152 23.65 12.39 -36.82
N LYS C 153 23.86 11.31 -36.08
CA LYS C 153 22.98 10.14 -36.13
C LYS C 153 23.18 9.23 -34.93
N TYR C 154 22.33 8.21 -34.83
CA TYR C 154 22.47 7.19 -33.80
C TYR C 154 23.08 5.94 -34.39
N VAL C 155 24.16 5.49 -33.76
CA VAL C 155 24.77 4.20 -34.07
C VAL C 155 24.78 3.34 -32.81
N GLU C 156 24.81 2.02 -32.96
CA GLU C 156 24.91 1.14 -31.78
C GLU C 156 25.81 -0.06 -32.04
N CYS C 157 26.34 -0.64 -30.97
CA CYS C 157 27.30 -1.72 -31.10
C CYS C 157 27.34 -2.59 -29.86
N SER C 158 27.86 -3.80 -30.00
CA SER C 158 28.38 -4.58 -28.89
C SER C 158 29.89 -4.67 -29.07
N ALA C 159 30.62 -4.36 -28.00
CA ALA C 159 32.07 -4.47 -28.01
C ALA C 159 32.48 -5.94 -27.84
N LEU C 160 31.61 -6.71 -27.19
CA LEU C 160 31.89 -8.12 -26.92
C LEU C 160 31.84 -8.96 -28.20
N THR C 161 30.84 -8.72 -29.04
CA THR C 161 30.66 -9.49 -30.26
C THR C 161 31.25 -8.75 -31.46
N GLN C 162 31.43 -7.43 -31.28
CA GLN C 162 31.93 -6.52 -32.32
C GLN C 162 30.88 -6.16 -33.37
N ARG C 163 29.64 -6.60 -33.14
CA ARG C 163 28.53 -6.31 -34.02
C ARG C 163 28.28 -4.81 -34.05
N GLY C 164 28.39 -4.22 -35.24
CA GLY C 164 28.11 -2.81 -35.42
C GLY C 164 29.23 -1.90 -34.99
N LEU C 165 30.34 -2.50 -34.57
CA LEU C 165 31.48 -1.75 -34.04
C LEU C 165 32.28 -0.96 -35.08
N LYS C 166 32.65 -1.60 -36.17
CA LYS C 166 33.35 -0.91 -37.25
C LYS C 166 32.53 0.30 -37.74
N ASN C 167 31.22 0.11 -37.87
CA ASN C 167 30.34 1.14 -38.40
C ASN C 167 30.34 2.42 -37.55
N VAL C 168 30.45 2.26 -36.23
CA VAL C 168 30.51 3.40 -35.33
C VAL C 168 31.60 4.35 -35.80
N PHE C 169 32.79 3.80 -36.01
CA PHE C 169 33.95 4.61 -36.32
C PHE C 169 34.03 5.06 -37.77
N ASP C 170 33.42 4.29 -38.67
CA ASP C 170 33.29 4.73 -40.06
C ASP C 170 32.36 5.93 -40.10
N GLU C 171 31.31 5.88 -39.28
CA GLU C 171 30.34 6.95 -39.19
C GLU C 171 30.89 8.20 -38.48
N ALA C 172 31.82 7.97 -37.56
CA ALA C 172 32.48 9.05 -36.84
C ALA C 172 33.41 9.82 -37.77
N ILE C 173 34.07 9.11 -38.67
CA ILE C 173 34.96 9.76 -39.64
C ILE C 173 34.11 10.62 -40.56
N LEU C 174 33.02 10.05 -41.05
CA LEU C 174 32.11 10.75 -41.97
C LEU C 174 31.56 12.03 -41.37
N ALA C 175 31.12 11.96 -40.11
CA ALA C 175 30.63 13.12 -39.36
C ALA C 175 31.71 14.20 -39.21
N ALA C 176 32.95 13.77 -38.97
CA ALA C 176 34.08 14.68 -38.80
C ALA C 176 34.56 15.26 -40.12
N LEU C 177 34.28 14.57 -41.21
CA LEU C 177 34.70 15.03 -42.54
C LEU C 177 33.73 16.01 -43.20
N GLU C 178 32.47 16.01 -42.77
CA GLU C 178 31.45 16.91 -43.33
C GLU C 178 31.78 18.38 -43.13
N VAL D 15 58.95 23.38 -12.73
CA VAL D 15 58.78 22.42 -13.87
C VAL D 15 57.52 21.54 -13.67
N LEU D 16 57.33 21.02 -12.45
CA LEU D 16 56.12 20.28 -12.07
C LEU D 16 55.28 21.09 -11.07
N VAL D 17 55.67 22.34 -10.86
CA VAL D 17 55.04 23.18 -9.83
C VAL D 17 53.61 23.57 -10.25
N LEU D 18 53.43 23.86 -11.54
CA LEU D 18 52.12 24.19 -12.08
C LEU D 18 51.17 22.97 -12.18
N PHE D 19 51.74 21.77 -12.10
CA PHE D 19 50.98 20.53 -12.03
C PHE D 19 50.30 20.37 -10.67
N GLU D 20 51.03 20.71 -9.60
CA GLU D 20 50.53 20.60 -8.24
C GLU D 20 49.26 21.42 -8.04
N GLN D 21 49.26 22.65 -8.56
CA GLN D 21 48.11 23.53 -8.42
C GLN D 21 46.94 23.10 -9.29
N MET D 22 47.25 22.58 -10.48
CA MET D 22 46.24 22.05 -11.39
C MET D 22 45.38 20.98 -10.72
N LEU D 23 46.05 20.03 -10.06
CA LEU D 23 45.37 18.96 -9.33
C LEU D 23 44.43 19.47 -8.23
N VAL D 24 44.87 20.49 -7.50
CA VAL D 24 44.06 21.12 -6.47
C VAL D 24 42.89 21.87 -7.12
N ASP D 25 43.15 22.49 -8.26
CA ASP D 25 42.15 23.27 -8.98
C ASP D 25 41.08 22.38 -9.66
N MET D 26 41.38 21.09 -9.79
CA MET D 26 40.42 20.13 -10.32
C MET D 26 39.68 19.36 -9.24
N ASN D 27 39.81 19.82 -7.99
CA ASN D 27 39.02 19.33 -6.86
C ASN D 27 39.14 17.80 -6.64
N LEU D 28 40.38 17.32 -6.60
CA LEU D 28 40.64 15.89 -6.47
C LEU D 28 41.30 15.58 -5.15
N ASN D 29 40.83 14.55 -4.47
CA ASN D 29 41.48 14.10 -3.23
C ASN D 29 42.76 13.33 -3.54
N GLU D 30 43.51 12.96 -2.51
CA GLU D 30 44.78 12.25 -2.69
C GLU D 30 44.64 10.97 -3.51
N GLU D 31 43.52 10.28 -3.32
CA GLU D 31 43.26 9.03 -4.04
C GLU D 31 43.10 9.25 -5.56
N LYS D 32 42.28 10.24 -5.92
CA LYS D 32 41.96 10.53 -7.31
C LYS D 32 43.11 11.23 -8.04
N GLN D 33 44.05 11.77 -7.27
CA GLN D 33 45.26 12.37 -7.83
C GLN D 33 46.26 11.31 -8.23
N GLN D 34 46.23 10.18 -7.53
CA GLN D 34 47.28 9.15 -7.62
C GLN D 34 47.62 8.66 -9.04
N PRO D 35 46.62 8.27 -9.85
CA PRO D 35 46.95 7.85 -11.21
C PRO D 35 47.45 8.99 -12.11
N LEU D 36 47.18 10.24 -11.70
CA LEU D 36 47.65 11.39 -12.44
C LEU D 36 49.08 11.77 -12.11
N ARG D 37 49.51 11.43 -10.89
CA ARG D 37 50.87 11.72 -10.45
C ARG D 37 51.87 10.74 -11.05
N GLU D 38 51.36 9.62 -11.55
CA GLU D 38 52.18 8.55 -12.11
C GLU D 38 52.42 8.69 -13.61
N LYS D 39 51.60 9.49 -14.28
CA LYS D 39 51.80 9.79 -15.70
C LYS D 39 53.16 10.47 -15.88
N ASP D 40 53.90 10.06 -16.91
CA ASP D 40 55.24 10.59 -17.17
C ASP D 40 55.24 12.10 -17.47
N ILE D 41 56.39 12.74 -17.25
CA ILE D 41 56.55 14.19 -17.46
C ILE D 41 55.99 14.67 -18.81
N VAL D 42 56.10 13.81 -19.83
CA VAL D 42 55.62 14.13 -21.17
C VAL D 42 54.13 14.44 -21.20
N ILE D 43 53.34 13.58 -20.55
CA ILE D 43 51.88 13.75 -20.47
C ILE D 43 51.54 14.91 -19.55
N LYS D 44 52.22 14.98 -18.40
CA LYS D 44 52.07 16.08 -17.46
C LYS D 44 52.29 17.45 -18.11
N ARG D 45 53.29 17.54 -18.99
CA ARG D 45 53.62 18.78 -19.68
C ARG D 45 52.52 19.21 -20.65
N GLU D 46 51.87 18.22 -21.28
CA GLU D 46 50.78 18.52 -22.23
C GLU D 46 49.51 18.91 -21.48
N MET D 47 49.32 18.31 -20.31
CA MET D 47 48.17 18.60 -19.45
C MET D 47 48.19 20.04 -18.93
N VAL D 48 49.31 20.47 -18.34
CA VAL D 48 49.42 21.81 -17.79
C VAL D 48 49.17 22.90 -18.83
N SER D 49 49.58 22.63 -20.07
CA SER D 49 49.38 23.55 -21.18
C SER D 49 47.90 23.66 -21.52
N GLN D 50 47.25 22.50 -21.65
CA GLN D 50 45.83 22.46 -21.96
C GLN D 50 44.98 22.81 -20.75
N TYR D 51 45.62 22.88 -19.58
CA TYR D 51 45.02 23.47 -18.39
C TYR D 51 45.13 25.00 -18.45
N LEU D 52 46.29 25.49 -18.90
CA LEU D 52 46.49 26.93 -19.04
C LEU D 52 45.68 27.50 -20.21
N HIS D 53 45.36 26.66 -21.19
CA HIS D 53 44.53 27.08 -22.32
C HIS D 53 43.04 27.18 -21.97
N THR D 54 42.53 26.20 -21.21
CA THR D 54 41.10 26.17 -20.83
C THR D 54 40.64 27.31 -19.91
N SER D 55 41.60 28.01 -19.31
CA SER D 55 41.32 29.19 -18.48
C SER D 55 41.07 30.44 -19.33
N SER D 65 32.41 28.54 -23.88
CA SER D 65 32.65 29.06 -22.53
C SER D 65 32.62 30.59 -22.50
N ARG D 66 31.88 31.13 -21.54
CA ARG D 66 31.94 32.57 -21.20
C ARG D 66 32.23 32.74 -19.70
N SER D 67 32.79 33.89 -19.32
CA SER D 67 33.23 34.13 -17.96
C SER D 67 32.09 34.11 -16.94
N ALA D 68 32.46 34.11 -15.67
CA ALA D 68 31.51 34.15 -14.56
C ALA D 68 30.72 35.46 -14.52
N MET D 69 31.41 36.55 -14.88
CA MET D 69 30.85 37.90 -14.90
C MET D 69 29.61 37.98 -15.79
N MET D 70 29.69 37.34 -16.96
CA MET D 70 28.58 37.27 -17.90
C MET D 70 27.36 36.52 -17.36
N TYR D 71 27.60 35.53 -16.50
CA TYR D 71 26.52 34.75 -15.90
C TYR D 71 25.75 35.55 -14.85
N ILE D 72 26.49 36.26 -13.99
CA ILE D 72 25.89 37.18 -13.02
C ILE D 72 25.04 38.22 -13.77
N GLN D 73 25.59 38.72 -14.87
CA GLN D 73 24.92 39.64 -15.78
C GLN D 73 23.54 39.11 -16.16
N GLU D 74 23.50 37.87 -16.61
CA GLU D 74 22.28 37.23 -17.10
C GLU D 74 21.32 36.90 -15.97
N LEU D 75 21.88 36.41 -14.86
CA LEU D 75 21.08 36.12 -13.67
C LEU D 75 20.38 37.35 -13.11
N ARG D 76 20.88 38.54 -13.47
CA ARG D 76 20.28 39.80 -13.06
C ARG D 76 19.42 40.42 -14.17
N SER D 77 19.36 39.74 -15.31
CA SER D 77 18.74 40.33 -16.50
C SER D 77 17.29 39.90 -16.75
N GLY D 78 16.67 39.31 -15.74
CA GLY D 78 15.25 38.97 -15.78
C GLY D 78 14.83 37.88 -16.75
N LEU D 79 15.66 36.84 -16.87
CA LEU D 79 15.33 35.65 -17.68
C LEU D 79 14.10 34.92 -17.16
N ARG D 80 13.36 34.31 -18.08
CA ARG D 80 12.10 33.64 -17.75
C ARG D 80 11.93 32.33 -18.51
N ASP D 81 11.22 31.40 -17.86
CA ASP D 81 10.92 30.07 -18.43
C ASP D 81 12.10 29.44 -19.15
N MET D 82 11.89 29.14 -20.43
CA MET D 82 12.86 28.47 -21.30
C MET D 82 14.20 29.19 -21.39
N HIS D 83 14.18 30.53 -21.42
CA HIS D 83 15.40 31.30 -21.53
C HIS D 83 16.22 31.30 -20.25
N LEU D 84 15.54 31.28 -19.11
CA LEU D 84 16.20 31.12 -17.81
C LEU D 84 16.87 29.74 -17.71
N LEU D 85 16.12 28.71 -18.07
CA LEU D 85 16.60 27.33 -18.01
C LEU D 85 17.90 27.15 -18.76
N SER D 86 17.94 27.56 -20.03
CA SER D 86 19.16 27.50 -20.86
C SER D 86 20.36 28.09 -20.14
N CYS D 87 20.18 29.31 -19.66
CA CYS D 87 21.20 29.99 -18.91
C CYS D 87 21.68 29.14 -17.72
N LEU D 88 20.71 28.63 -16.95
CA LEU D 88 21.00 27.83 -15.76
C LEU D 88 21.71 26.52 -16.10
N GLU D 89 21.25 25.87 -17.16
CA GLU D 89 21.86 24.63 -17.66
C GLU D 89 23.32 24.91 -18.06
N SER D 90 23.55 26.10 -18.61
CA SER D 90 24.86 26.51 -19.06
C SER D 90 25.76 26.91 -17.89
N LEU D 91 25.16 27.49 -16.86
CA LEU D 91 25.89 27.82 -15.64
C LEU D 91 26.32 26.54 -14.88
N ARG D 92 25.41 25.58 -14.83
CA ARG D 92 25.67 24.30 -14.17
C ARG D 92 26.91 23.60 -14.73
N VAL D 93 27.01 23.56 -16.07
CA VAL D 93 28.15 22.94 -16.75
C VAL D 93 29.44 23.63 -16.36
N SER D 94 29.44 24.97 -16.40
CA SER D 94 30.57 25.79 -15.95
C SER D 94 30.99 25.47 -14.51
N LEU D 95 30.02 25.45 -13.60
CA LEU D 95 30.25 25.13 -12.20
C LEU D 95 30.75 23.69 -11.96
N THR D 96 30.40 22.77 -12.87
CA THR D 96 30.80 21.38 -12.79
C THR D 96 32.16 21.10 -13.43
N SER D 97 32.38 21.67 -14.62
CA SER D 97 33.49 21.27 -15.51
C SER D 97 34.73 22.15 -15.44
N HIS D 98 34.54 23.43 -15.10
CA HIS D 98 35.65 24.37 -15.03
C HIS D 98 36.44 24.15 -13.74
N PRO D 99 37.70 24.65 -13.69
CA PRO D 99 38.48 24.52 -12.45
C PRO D 99 37.80 25.21 -11.27
N VAL D 100 38.07 24.74 -10.06
CA VAL D 100 37.53 25.37 -8.85
C VAL D 100 37.77 26.89 -8.86
N SER D 101 38.90 27.32 -9.40
CA SER D 101 39.19 28.76 -9.56
C SER D 101 38.14 29.53 -10.35
N TRP D 102 37.49 28.90 -11.32
CA TRP D 102 36.38 29.55 -12.03
C TRP D 102 35.22 29.77 -11.06
N VAL D 103 34.94 28.74 -10.27
CA VAL D 103 33.94 28.79 -9.21
C VAL D 103 34.24 29.93 -8.26
N GLN D 104 35.52 30.10 -7.91
CA GLN D 104 35.98 31.25 -7.10
C GLN D 104 35.47 32.56 -7.70
N THR D 105 35.73 32.77 -8.99
CA THR D 105 35.34 34.00 -9.68
C THR D 105 33.83 34.25 -9.60
N PHE D 106 33.05 33.17 -9.60
CA PHE D 106 31.61 33.25 -9.48
C PHE D 106 31.27 33.73 -8.07
N GLY D 107 31.80 33.00 -7.08
CA GLY D 107 31.85 33.44 -5.68
C GLY D 107 30.55 33.84 -5.01
N ALA D 108 30.66 34.69 -4.00
CA ALA D 108 29.50 35.17 -3.25
C ALA D 108 28.51 35.90 -4.16
N GLU D 109 29.05 36.85 -4.94
CA GLU D 109 28.26 37.68 -5.85
C GLU D 109 27.33 36.84 -6.73
N GLY D 110 27.89 35.78 -7.33
CA GLY D 110 27.14 34.89 -8.19
C GLY D 110 26.14 34.05 -7.42
N LEU D 111 26.55 33.56 -6.26
CA LEU D 111 25.67 32.80 -5.38
C LEU D 111 24.46 33.64 -4.96
N ALA D 112 24.72 34.90 -4.60
CA ALA D 112 23.67 35.83 -4.21
C ALA D 112 22.60 35.98 -5.29
N SER D 113 23.02 36.24 -6.51
CA SER D 113 22.08 36.44 -7.62
C SER D 113 21.39 35.13 -8.00
N LEU D 114 22.13 34.04 -7.87
CA LEU D 114 21.58 32.70 -8.05
C LEU D 114 20.50 32.38 -7.01
N LEU D 115 20.69 32.86 -5.78
CA LEU D 115 19.71 32.68 -4.70
C LEU D 115 18.54 33.65 -4.76
N ASP D 116 18.73 34.79 -5.40
CA ASP D 116 17.67 35.77 -5.56
C ASP D 116 16.61 35.24 -6.52
N ILE D 117 17.06 34.55 -7.55
CA ILE D 117 16.18 33.99 -8.57
C ILE D 117 15.37 32.87 -7.95
N LEU D 118 16.01 32.04 -7.15
CA LEU D 118 15.33 30.96 -6.42
C LEU D 118 14.17 31.53 -5.59
N LYS D 119 14.41 32.65 -4.93
CA LYS D 119 13.37 33.34 -4.18
C LYS D 119 12.23 33.84 -5.07
N ARG D 120 12.59 34.54 -6.16
CA ARG D 120 11.63 35.02 -7.15
C ARG D 120 10.69 33.90 -7.60
N LEU D 121 11.27 32.73 -7.90
CA LEU D 121 10.53 31.55 -8.32
C LEU D 121 9.55 31.04 -7.26
N HIS D 122 9.91 31.17 -5.99
CA HIS D 122 9.01 30.85 -4.88
C HIS D 122 7.89 31.88 -4.74
N ASP D 123 8.17 33.12 -5.14
CA ASP D 123 7.22 34.22 -4.96
C ASP D 123 6.17 34.31 -6.06
N GLU D 124 6.26 33.44 -7.06
CA GLU D 124 5.32 33.46 -8.19
C GLU D 124 4.72 32.07 -8.47
N LYS D 125 3.54 31.83 -7.91
CA LYS D 125 2.83 30.53 -7.93
C LYS D 125 3.76 29.30 -8.00
N ASP D 133 8.33 27.51 -13.29
CA ASP D 133 8.87 26.19 -13.60
C ASP D 133 9.60 25.56 -12.43
N SER D 134 9.23 24.32 -12.13
CA SER D 134 9.97 23.50 -11.18
C SER D 134 11.28 23.00 -11.82
N ARG D 135 11.38 23.10 -13.15
CA ARG D 135 12.62 22.80 -13.85
C ARG D 135 13.68 23.87 -13.59
N ASN D 136 13.25 25.13 -13.59
CA ASN D 136 14.13 26.24 -13.21
C ASN D 136 14.62 26.15 -11.76
N GLN D 137 13.70 25.79 -10.86
CA GLN D 137 14.03 25.56 -9.45
C GLN D 137 15.01 24.40 -9.34
N HIS D 138 14.70 23.30 -10.02
CA HIS D 138 15.56 22.13 -9.96
C HIS D 138 16.97 22.46 -10.45
N GLU D 139 17.04 23.21 -11.55
CA GLU D 139 18.32 23.56 -12.17
C GLU D 139 19.23 24.43 -11.28
N ILE D 140 18.64 25.34 -10.52
CA ILE D 140 19.41 26.14 -9.56
C ILE D 140 20.03 25.24 -8.49
N ILE D 141 19.27 24.25 -8.05
CA ILE D 141 19.78 23.27 -7.09
C ILE D 141 20.92 22.45 -7.70
N ARG D 142 20.77 22.07 -8.98
CA ARG D 142 21.85 21.38 -9.71
C ARG D 142 23.11 22.25 -9.77
N CYS D 143 22.92 23.55 -9.98
CA CYS D 143 24.00 24.53 -9.87
C CYS D 143 24.59 24.56 -8.46
N LEU D 144 23.70 24.60 -7.46
CA LEU D 144 24.12 24.61 -6.07
C LEU D 144 24.91 23.35 -5.69
N LYS D 145 24.46 22.19 -6.20
CA LYS D 145 25.18 20.93 -5.98
C LYS D 145 26.63 20.99 -6.46
N ALA D 146 26.84 21.50 -7.68
CA ALA D 146 28.18 21.62 -8.24
C ALA D 146 29.00 22.68 -7.50
N PHE D 147 28.35 23.78 -7.14
CA PHE D 147 28.98 24.84 -6.38
C PHE D 147 29.54 24.32 -5.05
N MET D 148 28.85 23.35 -4.44
CA MET D 148 29.16 22.93 -3.09
C MET D 148 30.02 21.67 -2.95
N ASN D 149 30.44 21.09 -4.06
CA ASN D 149 31.30 19.91 -4.01
C ASN D 149 32.77 20.23 -3.68
N ASN D 150 33.03 21.50 -3.42
CA ASN D 150 34.37 21.98 -3.08
C ASN D 150 34.36 22.87 -1.84
N LYS D 151 35.48 22.86 -1.11
CA LYS D 151 35.67 23.64 0.13
C LYS D 151 35.11 25.06 0.04
N PHE D 152 35.57 25.80 -0.97
CA PHE D 152 35.15 27.17 -1.19
C PHE D 152 33.63 27.28 -1.30
N GLY D 153 33.03 26.36 -2.06
CA GLY D 153 31.60 26.35 -2.28
C GLY D 153 30.80 26.23 -1.00
N ILE D 154 31.17 25.27 -0.15
CA ILE D 154 30.50 25.04 1.13
C ILE D 154 30.66 26.24 2.06
N LYS D 155 31.89 26.73 2.19
CA LYS D 155 32.17 27.90 2.99
C LYS D 155 31.25 29.06 2.59
N THR D 156 31.26 29.40 1.31
CA THR D 156 30.49 30.51 0.78
C THR D 156 28.97 30.32 0.99
N MET D 157 28.51 29.09 0.87
CA MET D 157 27.11 28.76 1.07
C MET D 157 26.69 28.94 2.53
N LEU D 158 27.58 28.54 3.44
CA LEU D 158 27.38 28.67 4.89
C LEU D 158 27.31 30.12 5.34
N GLU D 159 27.99 31.00 4.62
CA GLU D 159 28.04 32.43 4.96
C GLU D 159 26.81 33.20 4.48
N THR D 160 25.89 32.52 3.81
CA THR D 160 24.67 33.15 3.33
C THR D 160 23.64 33.21 4.45
N GLU D 161 22.81 34.25 4.42
CA GLU D 161 21.72 34.38 5.35
C GLU D 161 20.55 33.47 4.98
N GLU D 162 20.33 33.29 3.68
CA GLU D 162 19.16 32.58 3.18
C GLU D 162 19.48 31.27 2.45
N GLY D 163 20.77 30.95 2.38
CA GLY D 163 21.24 29.76 1.68
C GLY D 163 20.58 28.45 2.09
N ILE D 164 20.67 28.14 3.39
CA ILE D 164 20.20 26.85 3.89
C ILE D 164 18.67 26.72 3.93
N LEU D 165 17.99 27.84 4.17
CA LEU D 165 16.52 27.88 4.08
C LEU D 165 16.06 27.54 2.66
N LEU D 166 16.68 28.17 1.67
CA LEU D 166 16.32 27.93 0.27
C LEU D 166 16.53 26.47 -0.14
N LEU D 167 17.56 25.84 0.43
CA LEU D 167 17.78 24.41 0.24
C LEU D 167 16.66 23.57 0.85
N VAL D 168 16.28 23.90 2.09
CA VAL D 168 15.15 23.25 2.76
C VAL D 168 13.85 23.42 1.95
N ARG D 169 13.61 24.63 1.45
CA ARG D 169 12.40 24.91 0.68
C ARG D 169 12.32 24.15 -0.64
N ALA D 170 13.48 23.69 -1.13
CA ALA D 170 13.56 22.93 -2.37
C ALA D 170 13.18 21.47 -2.15
N MET D 171 12.87 21.11 -0.91
CA MET D 171 12.44 19.76 -0.60
C MET D 171 10.94 19.61 -0.85
N ASP D 172 10.58 19.60 -2.14
CA ASP D 172 9.20 19.40 -2.57
C ASP D 172 9.00 17.94 -2.96
N PRO D 173 8.10 17.23 -2.24
CA PRO D 173 7.77 15.85 -2.61
C PRO D 173 7.15 15.75 -4.00
N ALA D 174 6.56 16.84 -4.48
CA ALA D 174 6.03 16.91 -5.84
C ALA D 174 7.14 16.90 -6.89
N VAL D 175 8.32 17.44 -6.55
CA VAL D 175 9.49 17.38 -7.43
C VAL D 175 10.58 16.50 -6.80
N PRO D 176 10.46 15.16 -6.99
CA PRO D 176 11.30 14.18 -6.30
C PRO D 176 12.80 14.39 -6.51
N ASN D 177 13.22 14.61 -7.75
CA ASN D 177 14.64 14.74 -8.08
C ASN D 177 15.29 15.95 -7.44
N MET D 178 14.55 17.05 -7.35
CA MET D 178 15.05 18.25 -6.68
C MET D 178 15.18 18.00 -5.20
N MET D 179 14.17 17.36 -4.62
CA MET D 179 14.21 16.99 -3.21
C MET D 179 15.44 16.12 -2.89
N ILE D 180 15.69 15.07 -3.69
CA ILE D 180 16.88 14.21 -3.53
C ILE D 180 18.16 15.05 -3.52
N ASP D 181 18.26 15.99 -4.45
CA ASP D 181 19.44 16.83 -4.56
C ASP D 181 19.58 17.76 -3.37
N ALA D 182 18.51 18.49 -3.04
CA ALA D 182 18.45 19.33 -1.83
C ALA D 182 18.78 18.54 -0.57
N ALA D 183 18.08 17.41 -0.41
CA ALA D 183 18.27 16.53 0.74
C ALA D 183 19.72 16.13 0.91
N LYS D 184 20.35 15.68 -0.18
CA LYS D 184 21.71 15.18 -0.11
C LYS D 184 22.71 16.26 0.30
N LEU D 185 22.51 17.48 -0.19
CA LEU D 185 23.35 18.60 0.17
C LEU D 185 23.14 18.90 1.65
N LEU D 186 21.88 18.95 2.05
CA LEU D 186 21.50 19.20 3.43
C LEU D 186 22.11 18.16 4.38
N SER D 187 22.11 16.90 3.94
CA SER D 187 22.69 15.79 4.70
C SER D 187 24.19 15.94 4.93
N ALA D 188 24.88 16.49 3.94
CA ALA D 188 26.33 16.69 4.01
C ALA D 188 26.67 17.83 4.96
N LEU D 189 25.72 18.71 5.22
CA LEU D 189 25.98 19.86 6.08
C LEU D 189 25.86 19.43 7.54
N CYS D 190 24.84 18.66 7.86
CA CYS D 190 24.67 18.07 9.19
C CYS D 190 25.90 17.28 9.64
N ILE D 191 26.50 16.52 8.72
CA ILE D 191 27.75 15.77 8.95
C ILE D 191 28.94 16.67 9.31
N LEU D 192 28.91 17.91 8.84
CA LEU D 192 30.03 18.84 9.02
C LEU D 192 30.41 19.09 10.47
N PRO D 193 31.64 18.70 10.85
CA PRO D 193 32.16 19.02 12.17
C PRO D 193 32.64 20.47 12.27
N GLN D 194 33.23 20.98 11.19
CA GLN D 194 33.96 22.26 11.21
C GLN D 194 33.21 23.47 11.81
N PRO D 195 32.03 23.84 11.24
CA PRO D 195 31.19 24.76 12.02
C PRO D 195 30.29 23.97 12.97
N GLU D 196 30.27 24.36 14.23
CA GLU D 196 29.60 23.57 15.27
C GLU D 196 28.07 23.66 15.21
N ASP D 197 27.43 22.50 15.34
CA ASP D 197 25.97 22.37 15.39
C ASP D 197 25.23 22.64 14.07
N MET D 198 25.83 22.17 12.98
CA MET D 198 25.22 22.27 11.66
C MET D 198 23.86 21.58 11.55
N ASN D 199 23.66 20.50 12.31
CA ASN D 199 22.35 19.84 12.34
C ASN D 199 21.28 20.74 12.93
N GLU D 200 21.68 21.52 13.95
CA GLU D 200 20.79 22.49 14.56
C GLU D 200 20.54 23.66 13.62
N ARG D 201 21.53 24.00 12.80
CA ARG D 201 21.32 25.04 11.79
C ARG D 201 20.35 24.61 10.70
N VAL D 202 20.40 23.34 10.31
CA VAL D 202 19.46 22.81 9.31
C VAL D 202 18.03 22.75 9.89
N LEU D 203 17.91 22.17 11.08
CA LEU D 203 16.65 22.08 11.81
C LEU D 203 15.98 23.44 11.98
N GLU D 204 16.78 24.43 12.40
CA GLU D 204 16.38 25.83 12.50
C GLU D 204 15.72 26.29 11.20
N ALA D 205 16.37 26.03 10.08
CA ALA D 205 15.86 26.40 8.74
C ALA D 205 14.58 25.66 8.40
N MET D 206 14.47 24.41 8.86
CA MET D 206 13.26 23.61 8.65
C MET D 206 12.08 24.09 9.50
N THR D 207 12.38 24.72 10.63
CA THR D 207 11.35 25.35 11.45
C THR D 207 10.85 26.61 10.73
N GLU D 208 11.80 27.35 10.14
CA GLU D 208 11.53 28.60 9.45
C GLU D 208 10.65 28.42 8.22
N ARG D 209 10.87 27.34 7.47
CA ARG D 209 10.06 27.07 6.29
C ARG D 209 8.70 26.51 6.67
N ALA D 210 8.65 25.78 7.79
CA ALA D 210 7.41 25.23 8.32
C ALA D 210 6.47 26.34 8.80
N GLU D 211 7.05 27.38 9.38
CA GLU D 211 6.28 28.48 9.95
C GLU D 211 5.96 29.59 8.96
N MET D 212 6.31 29.38 7.69
CA MET D 212 5.84 30.24 6.62
C MET D 212 4.88 29.48 5.72
N ASP D 213 5.08 28.17 5.62
CA ASP D 213 4.20 27.30 4.85
C ASP D 213 2.97 26.86 5.62
N GLU D 214 2.97 27.10 6.94
CA GLU D 214 1.92 26.66 7.86
C GLU D 214 1.71 25.14 7.85
N VAL D 215 2.82 24.41 7.89
CA VAL D 215 2.78 22.95 7.93
C VAL D 215 3.78 22.43 8.98
N GLU D 216 3.69 21.14 9.32
CA GLU D 216 4.67 20.49 10.20
C GLU D 216 6.05 20.52 9.57
N ARG D 217 7.08 20.71 10.39
CA ARG D 217 8.43 20.87 9.88
C ARG D 217 9.02 19.62 9.21
N PHE D 218 8.59 18.46 9.68
CA PHE D 218 9.07 17.20 9.15
C PHE D 218 8.12 16.55 8.15
N GLN D 219 7.07 17.28 7.76
CA GLN D 219 6.07 16.74 6.85
C GLN D 219 6.62 16.35 5.47
N PRO D 220 7.45 17.22 4.84
CA PRO D 220 8.05 16.85 3.55
C PRO D 220 8.86 15.57 3.63
N LEU D 221 9.63 15.40 4.70
CA LEU D 221 10.43 14.20 4.92
C LEU D 221 9.56 12.96 4.96
N LEU D 222 8.39 13.08 5.58
CA LEU D 222 7.47 11.96 5.66
C LEU D 222 6.68 11.71 4.38
N ASP D 223 6.25 12.78 3.70
CA ASP D 223 5.63 12.67 2.38
C ASP D 223 6.56 11.97 1.38
N GLY D 224 7.85 12.24 1.53
CA GLY D 224 8.89 11.58 0.73
C GLY D 224 9.03 10.09 0.99
N LEU D 225 8.60 9.66 2.18
CA LEU D 225 8.72 8.26 2.58
C LEU D 225 7.45 7.44 2.29
N LYS D 226 6.36 8.11 1.93
CA LYS D 226 5.14 7.43 1.51
C LYS D 226 5.45 6.43 0.39
N SER D 227 4.79 5.28 0.42
CA SER D 227 4.89 4.30 -0.67
C SER D 227 4.24 4.88 -1.93
N GLY D 228 4.94 4.78 -3.06
CA GLY D 228 4.53 5.42 -4.30
C GLY D 228 5.63 6.34 -4.78
N THR D 229 6.35 6.94 -3.83
CA THR D 229 7.53 7.75 -4.11
C THR D 229 8.69 6.84 -4.54
N SER D 230 9.70 7.40 -5.19
CA SER D 230 10.85 6.60 -5.65
C SER D 230 11.70 6.10 -4.48
N ILE D 231 12.46 5.03 -4.70
CA ILE D 231 13.35 4.53 -3.66
C ILE D 231 14.46 5.52 -3.36
N ALA D 232 14.96 6.19 -4.40
CA ALA D 232 16.01 7.20 -4.26
C ALA D 232 15.58 8.34 -3.34
N LEU D 233 14.30 8.71 -3.40
CA LEU D 233 13.75 9.76 -2.54
C LEU D 233 13.59 9.24 -1.13
N LYS D 234 13.05 8.03 -1.00
CA LYS D 234 12.94 7.35 0.29
C LYS D 234 14.31 7.29 0.98
N VAL D 235 15.33 6.87 0.23
CA VAL D 235 16.69 6.78 0.75
C VAL D 235 17.19 8.16 1.18
N GLY D 236 16.88 9.18 0.37
CA GLY D 236 17.27 10.55 0.68
C GLY D 236 16.69 11.05 1.99
N CYS D 237 15.39 10.80 2.19
CA CYS D 237 14.68 11.28 3.36
C CYS D 237 15.19 10.68 4.65
N LEU D 238 15.40 9.36 4.65
CA LEU D 238 15.93 8.68 5.81
C LEU D 238 17.35 9.18 6.10
N GLN D 239 18.13 9.39 5.04
CA GLN D 239 19.48 9.90 5.18
C GLN D 239 19.51 11.25 5.90
N LEU D 240 18.58 12.14 5.53
CA LEU D 240 18.51 13.43 6.17
C LEU D 240 18.05 13.25 7.61
N ILE D 241 16.99 12.47 7.81
CA ILE D 241 16.51 12.14 9.16
C ILE D 241 17.69 11.68 10.01
N ASN D 242 18.45 10.71 9.50
CA ASN D 242 19.59 10.19 10.23
C ASN D 242 20.63 11.27 10.51
N ALA D 243 20.87 12.13 9.53
CA ALA D 243 21.92 13.15 9.60
C ALA D 243 21.58 14.23 10.61
N LEU D 244 20.29 14.50 10.78
CA LEU D 244 19.80 15.41 11.80
C LEU D 244 19.99 14.87 13.22
N ILE D 245 19.81 13.55 13.39
CA ILE D 245 19.85 12.87 14.69
C ILE D 245 21.25 12.42 15.12
N THR D 246 22.05 11.94 14.17
CA THR D 246 23.38 11.39 14.43
C THR D 246 24.36 12.29 15.23
N PRO D 247 24.62 13.54 14.75
CA PRO D 247 25.60 14.41 15.40
C PRO D 247 25.16 14.94 16.75
N ALA D 248 23.87 14.83 17.06
CA ALA D 248 23.34 15.30 18.34
C ALA D 248 23.90 14.47 19.48
N GLU D 249 24.61 15.13 20.40
CA GLU D 249 25.23 14.46 21.53
C GLU D 249 24.26 14.22 22.70
N GLU D 250 23.26 15.08 22.80
CA GLU D 250 22.29 15.08 23.88
C GLU D 250 21.15 14.10 23.58
N LEU D 251 20.97 13.12 24.45
CA LEU D 251 19.95 12.07 24.31
C LEU D 251 18.53 12.64 24.23
N ASP D 252 18.27 13.71 24.99
CA ASP D 252 16.98 14.40 24.94
C ASP D 252 16.67 14.97 23.56
N PHE D 253 17.69 15.46 22.88
CA PHE D 253 17.51 16.03 21.55
C PHE D 253 17.11 14.94 20.58
N ARG D 254 17.85 13.83 20.62
CA ARG D 254 17.59 12.69 19.76
C ARG D 254 16.19 12.15 19.93
N VAL D 255 15.78 11.95 21.19
CA VAL D 255 14.44 11.44 21.46
C VAL D 255 13.38 12.48 21.11
N HIS D 256 13.68 13.74 21.39
CA HIS D 256 12.81 14.87 21.08
C HIS D 256 12.44 14.86 19.59
N ILE D 257 13.43 14.92 18.70
CA ILE D 257 13.09 14.97 17.27
C ILE D 257 12.54 13.63 16.75
N ARG D 258 13.02 12.52 17.32
CA ARG D 258 12.54 11.20 16.93
C ARG D 258 11.05 11.02 17.20
N SER D 259 10.58 11.55 18.32
CA SER D 259 9.18 11.37 18.69
C SER D 259 8.31 12.37 17.96
N GLU D 260 8.93 13.45 17.49
CA GLU D 260 8.24 14.41 16.63
C GLU D 260 8.01 13.77 15.28
N LEU D 261 8.95 12.93 14.89
CA LEU D 261 8.86 12.14 13.68
C LEU D 261 7.79 11.08 13.85
N MET D 262 7.90 10.35 14.95
CA MET D 262 7.00 9.24 15.27
C MET D 262 5.55 9.68 15.25
N ARG D 263 5.29 10.87 15.81
CA ARG D 263 3.95 11.45 15.86
C ARG D 263 3.32 11.60 14.48
N LEU D 264 4.12 11.95 13.49
CA LEU D 264 3.61 12.12 12.14
C LEU D 264 3.54 10.79 11.39
N GLY D 265 3.60 9.69 12.14
CA GLY D 265 3.43 8.35 11.61
C GLY D 265 4.66 7.66 11.05
N LEU D 266 5.85 8.05 11.51
CA LEU D 266 7.09 7.44 11.04
C LEU D 266 7.16 5.94 11.32
N HIS D 267 6.65 5.53 12.48
CA HIS D 267 6.68 4.14 12.91
C HIS D 267 6.08 3.19 11.89
N GLN D 268 4.90 3.55 11.38
CA GLN D 268 4.17 2.71 10.43
C GLN D 268 4.80 2.73 9.03
N VAL D 269 5.26 3.89 8.57
CA VAL D 269 5.92 3.96 7.26
C VAL D 269 7.24 3.20 7.29
N LEU D 270 7.78 3.04 8.50
CA LEU D 270 9.04 2.35 8.70
C LEU D 270 8.91 0.84 8.55
N GLN D 271 7.70 0.32 8.83
CA GLN D 271 7.39 -1.09 8.58
C GLN D 271 7.50 -1.36 7.10
N GLU D 272 6.94 -0.44 6.30
CA GLU D 272 6.93 -0.54 4.85
C GLU D 272 8.31 -0.62 4.25
N LEU D 273 9.22 0.22 4.73
CA LEU D 273 10.56 0.33 4.16
C LEU D 273 11.43 -0.84 4.59
N ARG D 274 11.09 -1.44 5.73
CA ARG D 274 11.80 -2.61 6.23
C ARG D 274 11.61 -3.79 5.28
N GLU D 275 10.67 -3.64 4.35
CA GLU D 275 10.33 -4.68 3.39
C GLU D 275 11.15 -4.59 2.09
N ILE D 276 11.25 -3.40 1.52
CA ILE D 276 11.82 -3.22 0.18
C ILE D 276 13.31 -3.54 0.07
N GLU D 277 13.63 -4.52 -0.78
CA GLU D 277 14.98 -5.06 -0.90
C GLU D 277 15.90 -4.15 -1.72
N ASN D 278 16.51 -3.20 -1.02
CA ASN D 278 17.39 -2.23 -1.60
C ASN D 278 18.55 -2.03 -0.63
N GLU D 279 19.76 -2.12 -1.14
CA GLU D 279 20.97 -2.06 -0.31
C GLU D 279 21.15 -0.70 0.36
N ASP D 280 20.67 0.35 -0.31
CA ASP D 280 20.81 1.73 0.17
C ASP D 280 19.79 2.06 1.26
N MET D 281 18.60 1.48 1.15
CA MET D 281 17.55 1.69 2.14
C MET D 281 17.89 0.95 3.43
N LYS D 282 18.47 -0.25 3.27
CA LYS D 282 18.84 -1.09 4.40
C LYS D 282 19.95 -0.47 5.24
N VAL D 283 20.85 0.29 4.62
CA VAL D 283 21.93 0.95 5.35
C VAL D 283 21.40 2.13 6.16
N GLN D 284 20.37 2.80 5.63
CA GLN D 284 19.80 3.96 6.30
C GLN D 284 18.86 3.56 7.43
N LEU D 285 18.08 2.50 7.21
CA LEU D 285 17.22 1.92 8.24
C LEU D 285 18.09 1.39 9.37
N CYS D 286 19.23 0.84 8.99
CA CYS D 286 20.19 0.27 9.91
C CYS D 286 20.79 1.30 10.86
N VAL D 287 21.19 2.44 10.32
CA VAL D 287 21.72 3.55 11.13
C VAL D 287 20.64 4.07 12.08
N PHE D 288 19.44 4.27 11.54
CA PHE D 288 18.29 4.70 12.34
C PHE D 288 17.96 3.75 13.48
N ASP D 289 17.83 2.46 13.17
CA ASP D 289 17.49 1.44 14.17
C ASP D 289 18.56 1.29 15.24
N GLU D 290 19.83 1.37 14.84
CA GLU D 290 20.93 1.23 15.78
C GLU D 290 20.93 2.37 16.80
N GLN D 291 20.59 3.56 16.32
CA GLN D 291 20.52 4.77 17.15
C GLN D 291 19.28 4.75 18.06
N GLY D 292 18.13 4.38 17.49
CA GLY D 292 16.91 4.22 18.25
C GLY D 292 17.01 3.19 19.37
N ASP D 293 17.76 2.12 19.10
CA ASP D 293 18.03 1.07 20.08
C ASP D 293 18.88 1.56 21.24
N GLU D 294 19.99 2.20 20.92
CA GLU D 294 20.89 2.75 21.93
C GLU D 294 20.19 3.82 22.77
N ASP D 295 19.36 4.62 22.12
CA ASP D 295 18.58 5.64 22.82
C ASP D 295 17.49 5.04 23.70
N PHE D 296 16.88 3.94 23.24
CA PHE D 296 15.91 3.18 24.03
C PHE D 296 16.56 2.70 25.33
N PHE D 297 17.67 2.00 25.19
CA PHE D 297 18.48 1.52 26.32
C PHE D 297 18.69 2.61 27.37
N ASP D 298 19.21 3.76 26.94
CA ASP D 298 19.51 4.89 27.84
C ASP D 298 18.29 5.43 28.57
N LEU D 299 17.21 5.63 27.82
CA LEU D 299 16.00 6.22 28.35
C LEU D 299 15.24 5.25 29.28
N LYS D 300 15.35 3.96 28.97
CA LYS D 300 14.82 2.90 29.82
C LYS D 300 15.59 2.89 31.14
N GLY D 301 16.91 3.10 31.07
CA GLY D 301 17.74 3.24 32.26
C GLY D 301 17.32 4.40 33.14
N ARG D 302 16.87 5.47 32.51
CA ARG D 302 16.40 6.66 33.20
C ARG D 302 15.05 6.39 33.88
N LEU D 303 14.22 5.54 33.25
CA LEU D 303 12.92 5.16 33.79
C LEU D 303 13.04 4.15 34.93
N ASP D 304 13.99 3.23 34.82
CA ASP D 304 14.29 2.32 35.92
C ASP D 304 14.74 3.11 37.16
N ASP D 305 15.48 4.19 36.94
CA ASP D 305 15.98 5.02 38.03
C ASP D 305 14.88 5.84 38.69
N ILE D 306 14.03 6.46 37.87
CA ILE D 306 12.87 7.20 38.37
C ILE D 306 11.93 6.27 39.16
N ARG D 307 11.79 5.03 38.71
CA ARG D 307 10.94 4.04 39.37
C ARG D 307 11.50 3.54 40.70
N MET D 308 12.82 3.61 40.86
CA MET D 308 13.46 3.26 42.13
C MET D 308 13.29 4.39 43.15
N GLU D 309 13.57 5.62 42.74
CA GLU D 309 13.50 6.77 43.63
C GLU D 309 12.06 7.23 43.87
N MET D 310 11.39 7.67 42.79
CA MET D 310 10.06 8.28 42.89
C MET D 310 8.93 7.23 42.82
N ASP D 311 8.82 6.46 43.90
CA ASP D 311 7.94 5.27 43.97
C ASP D 311 6.48 5.54 44.35
N ASP D 312 6.15 6.79 44.68
CA ASP D 312 4.77 7.18 44.99
C ASP D 312 4.44 8.61 44.57
N PHE D 313 3.18 9.01 44.74
CA PHE D 313 2.69 10.29 44.25
C PHE D 313 3.34 11.51 44.88
N GLY D 314 3.53 11.49 46.20
CA GLY D 314 4.19 12.59 46.89
C GLY D 314 5.52 12.96 46.26
N GLU D 315 6.39 11.97 46.12
CA GLU D 315 7.70 12.14 45.48
C GLU D 315 7.54 12.82 44.12
N VAL D 316 6.68 12.23 43.29
CA VAL D 316 6.43 12.69 41.93
C VAL D 316 5.82 14.09 41.87
N PHE D 317 4.88 14.37 42.77
CA PHE D 317 4.31 15.72 42.86
C PHE D 317 5.35 16.78 43.22
N GLN D 318 6.27 16.45 44.12
CA GLN D 318 7.33 17.40 44.47
C GLN D 318 8.21 17.74 43.27
N ILE D 319 8.49 16.75 42.43
CA ILE D 319 9.30 17.02 41.26
C ILE D 319 8.56 17.98 40.33
N ILE D 320 7.26 17.77 40.17
CA ILE D 320 6.45 18.63 39.31
C ILE D 320 6.37 20.09 39.82
N LEU D 321 6.23 20.24 41.14
CA LEU D 321 6.15 21.57 41.74
C LEU D 321 7.48 22.30 41.65
N ASN D 322 8.58 21.58 41.89
CA ASN D 322 9.93 22.14 41.87
C ASN D 322 10.42 22.47 40.49
N THR D 323 9.97 21.69 39.52
CA THR D 323 10.62 21.57 38.23
C THR D 323 9.76 22.05 37.08
N VAL D 324 8.45 21.87 37.18
CA VAL D 324 7.54 22.17 36.08
C VAL D 324 6.67 23.39 36.39
N LYS D 325 6.12 23.44 37.59
CA LYS D 325 5.35 24.58 38.04
C LYS D 325 6.21 25.84 37.94
N ASP D 326 5.59 26.94 37.49
CA ASP D 326 6.26 28.23 37.29
C ASP D 326 7.27 28.24 36.12
N SER D 327 7.38 27.13 35.40
CA SER D 327 8.22 27.04 34.20
C SER D 327 7.45 27.40 32.95
N LYS D 328 8.17 27.50 31.83
CA LYS D 328 7.55 27.58 30.52
C LYS D 328 6.84 26.28 30.18
N ALA D 329 7.27 25.18 30.78
CA ALA D 329 6.64 23.87 30.58
C ALA D 329 5.30 23.68 31.31
N GLU D 330 5.00 24.55 32.27
CA GLU D 330 3.77 24.44 33.07
C GLU D 330 2.47 24.23 32.28
N PRO D 331 2.18 25.09 31.27
CA PRO D 331 0.89 24.99 30.60
C PRO D 331 0.65 23.66 29.88
N HIS D 332 1.71 23.05 29.35
CA HIS D 332 1.59 21.83 28.56
C HIS D 332 1.44 20.61 29.45
N PHE D 333 2.26 20.56 30.51
CA PHE D 333 2.22 19.48 31.49
C PHE D 333 0.85 19.45 32.20
N LEU D 334 0.34 20.64 32.52
CA LEU D 334 -0.99 20.78 33.12
C LEU D 334 -2.05 20.22 32.17
N SER D 335 -1.91 20.55 30.89
CA SER D 335 -2.84 20.06 29.89
C SER D 335 -2.83 18.53 29.73
N ILE D 336 -1.65 17.91 29.83
CA ILE D 336 -1.53 16.46 29.82
C ILE D 336 -2.26 15.86 31.01
N LEU D 337 -2.02 16.42 32.19
CA LEU D 337 -2.70 15.98 33.42
C LEU D 337 -4.21 16.02 33.24
N GLN D 338 -4.70 17.17 32.74
CA GLN D 338 -6.13 17.39 32.54
C GLN D 338 -6.73 16.37 31.56
N HIS D 339 -5.99 16.02 30.52
CA HIS D 339 -6.45 15.05 29.53
C HIS D 339 -6.59 13.67 30.17
N LEU D 340 -5.85 13.44 31.25
CA LEU D 340 -5.88 12.14 31.93
C LEU D 340 -7.07 12.00 32.86
N LEU D 341 -7.91 13.03 32.94
CA LEU D 341 -8.97 13.07 33.95
C LEU D 341 -10.35 13.28 33.35
N LEU D 342 -10.51 12.90 32.10
CA LEU D 342 -11.79 13.05 31.42
C LEU D 342 -12.69 11.85 31.66
N VAL D 343 -12.07 10.69 31.89
CA VAL D 343 -12.78 9.50 32.30
C VAL D 343 -13.37 9.70 33.69
N ARG D 344 -14.61 9.23 33.89
CA ARG D 344 -15.36 9.42 35.12
C ARG D 344 -14.78 8.57 36.25
N ASN D 345 -14.96 8.98 37.51
CA ASN D 345 -14.59 8.13 38.66
C ASN D 345 -15.37 6.83 38.65
N ASP D 346 -16.66 6.93 38.30
CA ASP D 346 -17.62 5.80 38.32
C ASP D 346 -17.22 4.65 37.42
N TYR D 347 -16.66 4.97 36.24
CA TYR D 347 -16.39 3.98 35.19
C TYR D 347 -15.82 2.68 35.77
N GLU D 348 -16.48 1.57 35.42
CA GLU D 348 -16.15 0.27 35.99
C GLU D 348 -14.84 -0.30 35.46
N ALA D 349 -14.27 0.36 34.44
CA ALA D 349 -13.04 -0.14 33.82
C ALA D 349 -11.93 0.91 33.69
N ARG D 350 -11.89 1.91 34.59
CA ARG D 350 -10.81 2.90 34.53
C ARG D 350 -9.40 2.33 34.74
N PRO D 351 -9.23 1.40 35.70
CA PRO D 351 -7.91 0.80 35.81
C PRO D 351 -7.43 0.27 34.47
N GLN D 352 -8.31 -0.49 33.78
CA GLN D 352 -8.00 -1.06 32.48
C GLN D 352 -7.73 0.06 31.43
N TYR D 353 -8.61 1.05 31.40
CA TYR D 353 -8.44 2.23 30.54
C TYR D 353 -7.10 2.92 30.74
N TYR D 354 -6.77 3.20 32.01
CA TYR D 354 -5.50 3.85 32.36
C TYR D 354 -4.30 2.97 32.05
N LYS D 355 -4.49 1.65 32.12
CA LYS D 355 -3.45 0.70 31.73
C LYS D 355 -3.17 0.83 30.23
N LEU D 356 -4.23 0.99 29.45
CA LEU D 356 -4.11 1.19 28.01
C LEU D 356 -3.49 2.55 27.68
N ILE D 357 -3.94 3.61 28.35
CA ILE D 357 -3.32 4.93 28.17
C ILE D 357 -1.84 4.89 28.53
N GLU D 358 -1.49 4.15 29.58
CA GLU D 358 -0.10 4.01 29.99
C GLU D 358 0.75 3.39 28.90
N GLU D 359 0.21 2.38 28.23
CA GLU D 359 0.92 1.74 27.13
C GLU D 359 1.16 2.73 26.01
N CYS D 360 0.14 3.52 25.68
CA CYS D 360 0.20 4.54 24.64
C CYS D 360 1.21 5.64 24.94
N VAL D 361 1.19 6.14 26.18
CA VAL D 361 2.13 7.16 26.64
C VAL D 361 3.55 6.58 26.62
N SER D 362 3.68 5.32 27.02
CA SER D 362 4.96 4.64 27.05
C SER D 362 5.59 4.55 25.66
N GLN D 363 4.80 4.12 24.67
CA GLN D 363 5.29 4.03 23.29
C GLN D 363 5.65 5.41 22.71
N ILE D 364 4.97 6.46 23.18
CA ILE D 364 5.26 7.82 22.77
C ILE D 364 6.62 8.28 23.33
N VAL D 365 6.82 8.06 24.63
CA VAL D 365 8.04 8.53 25.29
C VAL D 365 9.22 7.62 24.95
N LEU D 366 9.03 6.32 25.15
CA LEU D 366 10.03 5.30 24.83
C LEU D 366 9.61 4.55 23.58
N HIS D 367 10.32 4.76 22.47
CA HIS D 367 9.88 4.21 21.19
C HIS D 367 10.01 2.68 21.09
PG GNP E . -35.07 -14.23 -9.10
O1G GNP E . -34.79 -13.34 -7.92
O2G GNP E . -36.51 -14.23 -9.56
O3G GNP E . -34.51 -15.58 -8.69
N3B GNP E . -34.23 -13.70 -10.34
PB GNP E . -34.22 -14.35 -11.80
O1B GNP E . -33.11 -15.31 -11.92
O2B GNP E . -35.59 -14.80 -12.09
O3A GNP E . -33.79 -13.26 -12.79
PA GNP E . -34.67 -12.62 -13.87
O1A GNP E . -35.00 -13.68 -14.85
O2A GNP E . -35.81 -11.87 -13.29
O5' GNP E . -33.71 -11.59 -14.58
C5' GNP E . -33.12 -10.51 -13.87
C4' GNP E . -32.56 -9.42 -14.79
O4' GNP E . -31.62 -10.03 -15.72
C3' GNP E . -33.59 -8.66 -15.62
O3' GNP E . -33.45 -7.27 -15.39
C2' GNP E . -33.23 -8.98 -17.07
O2' GNP E . -33.25 -7.84 -17.90
C1' GNP E . -31.80 -9.51 -17.01
N9 GNP E . -31.58 -10.59 -17.97
C8 GNP E . -32.14 -11.85 -17.92
N7 GNP E . -31.78 -12.62 -18.90
C5 GNP E . -30.93 -11.83 -19.66
C6 GNP E . -30.24 -12.14 -20.85
O6 GNP E . -30.25 -13.20 -21.49
N1 GNP E . -29.49 -11.07 -21.32
C2 GNP E . -29.42 -9.86 -20.69
N2 GNP E . -28.64 -8.96 -21.29
N3 GNP E . -30.05 -9.54 -19.57
C4 GNP E . -30.80 -10.58 -19.10
MG MG F . -37.24 -15.48 -11.27
PG GNP G . 34.72 4.27 -17.11
O1G GNP G . 34.48 4.41 -15.62
O2G GNP G . 36.15 3.97 -17.50
O3G GNP G . 34.11 5.53 -17.68
N3B GNP G . 33.88 3.02 -17.64
PB GNP G . 33.77 2.56 -19.15
O1B GNP G . 32.61 3.20 -19.80
O2B GNP G . 35.12 2.73 -19.72
O3A GNP G . 33.35 1.09 -19.20
PA GNP G . 34.25 -0.11 -19.53
O1A GNP G . 34.60 -0.03 -20.97
O2A GNP G . 35.39 -0.20 -18.59
O5' GNP G . 33.33 -1.38 -19.33
C5' GNP G . 32.62 -1.65 -18.12
C4' GNP G . 32.08 -3.07 -18.04
O4' GNP G . 31.10 -3.29 -19.09
C3' GNP G . 33.10 -4.21 -18.16
O3' GNP G . 32.95 -5.11 -17.07
C2' GNP G . 32.76 -4.91 -19.46
O2' GNP G . 32.83 -6.32 -19.34
C1' GNP G . 31.31 -4.53 -19.73
N9 GNP G . 31.06 -4.37 -21.16
C8 GNP G . 31.59 -3.39 -21.98
N7 GNP G . 31.20 -3.47 -23.22
C5 GNP G . 30.37 -4.58 -23.25
C6 GNP G . 29.66 -5.15 -24.33
O6 GNP G . 29.63 -4.77 -25.51
N1 GNP G . 28.92 -6.26 -23.94
C2 GNP G . 28.88 -6.75 -22.66
N2 GNP G . 28.11 -7.82 -22.50
N3 GNP G . 29.54 -6.23 -21.62
C4 GNP G . 30.27 -5.14 -21.98
MG MG H . 36.86 3.71 -19.59
#